data_9KK9
#
_entry.id   9KK9
#
_cell.length_a   158.248
_cell.length_b   94.945
_cell.length_c   91.184
_cell.angle_alpha   90.00
_cell.angle_beta   90.51
_cell.angle_gamma   90.00
#
_symmetry.space_group_name_H-M   'C 1 2 1'
#
loop_
_entity.id
_entity.type
_entity.pdbx_description
1 polymer '2-aminoethylphosphonate--pyruvate transaminase'
2 non-polymer '(2-aminoethyl)phosphonic acid'
3 water water
#
_entity_poly.entity_id   1
_entity_poly.type   'polypeptide(L)'
_entity_poly.pdbx_seq_one_letter_code
;GAMKNEYLLLTPGPLSTSEAVREAMLKDWCTWDDEYNKDIVEVIRTKLVKLATKHSGYTSVLMQGSGTASVEATIGSAIG
KEGKLLVVDNGAYGARIAQIADYLNIPCHAVSPGETSQPHLNEVETALASDPAITHVAIVHCETTTGMLNPIEAFASAAK
AHGKVVILDAMSSFGGIPIDIAELGIDFMISSAN(LLP)CIQGVPGFGFVIAKKTELEKCQGQARSLSLDLYDQWHCMEV
NHGKWRFTSPTHTVRAFYQALLELEQEGGIEARHNRYQTNQKTLVAGMRSLGFEPLLSDDLHSPIITSFYSPTHSDYQFK
AFYTRLKEQGFVIYPGKVSNADCFRIGNIGEVYPADIERLIGAIEKAMYWQVA
;
_entity_poly.pdbx_strand_id   A,B,C
#
# COMPACT_ATOMS: atom_id res chain seq x y z
N GLU A 6 -24.34 -3.56 -14.51
CA GLU A 6 -25.41 -3.09 -15.42
C GLU A 6 -24.93 -2.91 -16.89
N TYR A 7 -23.71 -2.40 -17.06
CA TYR A 7 -23.10 -2.17 -18.37
C TYR A 7 -21.69 -2.71 -18.37
N LEU A 8 -21.24 -3.18 -19.52
CA LEU A 8 -19.83 -3.54 -19.71
C LEU A 8 -19.18 -2.28 -20.30
N LEU A 9 -18.15 -1.75 -19.64
CA LEU A 9 -17.48 -0.51 -20.08
C LEU A 9 -16.41 -0.82 -21.08
N LEU A 10 -16.66 -0.56 -22.36
CA LEU A 10 -15.68 -0.80 -23.43
C LEU A 10 -14.90 0.47 -23.67
N THR A 11 -14.25 0.91 -22.59
CA THR A 11 -13.48 2.14 -22.51
C THR A 11 -12.01 1.80 -22.34
N PRO A 12 -11.10 2.79 -22.39
CA PRO A 12 -9.69 2.46 -22.11
C PRO A 12 -9.39 2.47 -20.60
N GLY A 13 -10.42 2.66 -19.78
CA GLY A 13 -10.29 2.82 -18.33
C GLY A 13 -10.61 4.25 -17.90
N PRO A 14 -11.34 4.48 -16.77
CA PRO A 14 -11.93 3.51 -15.82
C PRO A 14 -12.82 2.55 -16.58
N LEU A 15 -12.78 1.27 -16.16
CA LEU A 15 -13.41 0.20 -16.92
C LEU A 15 -14.23 -0.71 -16.00
N SER A 16 -14.66 -1.88 -16.49
CA SER A 16 -15.43 -2.81 -15.67
C SER A 16 -14.40 -3.62 -14.89
N THR A 17 -14.33 -3.40 -13.58
CA THR A 17 -13.38 -4.08 -12.71
C THR A 17 -14.06 -5.34 -12.21
N SER A 18 -13.30 -6.28 -11.65
CA SER A 18 -13.93 -7.49 -11.12
C SER A 18 -14.62 -7.19 -9.77
N GLU A 19 -15.47 -8.10 -9.32
CA GLU A 19 -16.13 -7.96 -8.02
C GLU A 19 -15.09 -7.89 -6.89
N ALA A 20 -14.05 -8.73 -6.93
CA ALA A 20 -13.03 -8.74 -5.87
C ALA A 20 -12.22 -7.47 -5.84
N VAL A 21 -11.98 -6.85 -6.99
CA VAL A 21 -11.24 -5.57 -7.03
C VAL A 21 -12.04 -4.48 -6.30
N ARG A 22 -13.36 -4.43 -6.56
CA ARG A 22 -14.24 -3.48 -5.92
C ARG A 22 -14.50 -3.79 -4.46
N GLU A 23 -14.62 -5.09 -4.13
CA GLU A 23 -14.85 -5.53 -2.76
C GLU A 23 -13.66 -5.22 -1.87
N ALA A 24 -12.44 -5.18 -2.44
CA ALA A 24 -11.22 -4.85 -1.69
C ALA A 24 -11.28 -3.39 -1.13
N MET A 25 -12.17 -2.55 -1.69
CA MET A 25 -12.38 -1.15 -1.25
C MET A 25 -13.27 -1.03 0.00
N LEU A 26 -13.81 -2.16 0.52
CA LEU A 26 -14.72 -2.09 1.64
C LEU A 26 -14.07 -1.96 3.02
N LYS A 27 -12.74 -1.79 3.08
CA LYS A 27 -12.06 -1.64 4.37
C LYS A 27 -11.37 -0.27 4.42
N ASP A 28 -11.43 0.41 5.58
CA ASP A 28 -10.79 1.70 5.81
C ASP A 28 -9.35 1.44 6.30
N TRP A 29 -8.43 2.33 5.99
CA TRP A 29 -7.04 2.18 6.38
C TRP A 29 -6.51 3.45 7.00
N CYS A 30 -5.61 3.28 7.97
CA CYS A 30 -4.93 4.45 8.49
C CYS A 30 -3.67 4.68 7.61
N THR A 31 -3.47 5.91 7.12
CA THR A 31 -2.33 6.26 6.27
C THR A 31 -0.97 6.22 7.02
N TRP A 32 -1.01 6.20 8.36
CA TRP A 32 0.17 6.15 9.21
C TRP A 32 0.36 4.77 9.80
N ASP A 33 -0.38 3.81 9.32
CA ASP A 33 -0.29 2.44 9.81
C ASP A 33 0.63 1.56 8.95
N ASP A 34 1.56 0.82 9.61
CA ASP A 34 2.50 -0.10 8.93
C ASP A 34 1.80 -1.19 8.16
N GLU A 35 0.61 -1.60 8.61
CA GLU A 35 -0.08 -2.60 7.83
C GLU A 35 -0.39 -2.08 6.43
N TYR A 36 -0.84 -0.85 6.31
CA TYR A 36 -1.11 -0.24 5.02
C TYR A 36 0.20 0.01 4.26
N ASN A 37 1.13 0.71 4.90
CA ASN A 37 2.38 1.08 4.23
C ASN A 37 3.29 -0.09 3.86
N LYS A 38 3.62 -0.94 4.81
CA LYS A 38 4.48 -2.09 4.54
C LYS A 38 3.78 -3.24 3.82
N ASP A 39 2.58 -3.61 4.25
CA ASP A 39 1.91 -4.81 3.72
C ASP A 39 1.00 -4.54 2.54
N ILE A 40 0.69 -3.29 2.23
CA ILE A 40 -0.08 -3.02 1.01
C ILE A 40 0.81 -2.25 0.06
N VAL A 41 1.20 -1.03 0.44
CA VAL A 41 1.95 -0.13 -0.44
C VAL A 41 3.25 -0.74 -0.91
N GLU A 42 4.11 -1.22 0.02
CA GLU A 42 5.41 -1.78 -0.35
C GLU A 42 5.30 -3.02 -1.19
N VAL A 43 4.20 -3.78 -1.01
CA VAL A 43 3.95 -4.99 -1.80
C VAL A 43 3.63 -4.55 -3.25
N ILE A 44 2.75 -3.52 -3.40
CA ILE A 44 2.42 -3.00 -4.73
C ILE A 44 3.70 -2.54 -5.43
N ARG A 45 4.50 -1.73 -4.74
CA ARG A 45 5.75 -1.21 -5.24
C ARG A 45 6.72 -2.31 -5.73
N THR A 46 6.89 -3.35 -4.93
CA THR A 46 7.75 -4.49 -5.25
C THR A 46 7.23 -5.19 -6.52
N LYS A 47 5.91 -5.45 -6.56
CA LYS A 47 5.28 -6.15 -7.68
C LYS A 47 5.36 -5.35 -8.96
N LEU A 48 5.15 -4.03 -8.89
CA LEU A 48 5.19 -3.14 -10.06
C LEU A 48 6.54 -3.15 -10.73
N VAL A 49 7.65 -3.06 -9.95
CA VAL A 49 9.00 -3.11 -10.54
C VAL A 49 9.22 -4.45 -11.25
N LYS A 50 8.85 -5.57 -10.63
CA LYS A 50 8.99 -6.89 -11.23
C LYS A 50 8.13 -7.06 -12.48
N LEU A 51 6.97 -6.41 -12.54
CA LEU A 51 6.14 -6.49 -13.74
C LEU A 51 6.78 -5.71 -14.90
N ALA A 52 7.47 -4.59 -14.58
CA ALA A 52 8.09 -3.71 -15.56
C ALA A 52 9.44 -4.25 -16.11
N THR A 53 10.22 -4.91 -15.26
CA THR A 53 11.52 -5.43 -15.66
C THR A 53 11.94 -6.64 -14.85
N LYS A 54 12.72 -7.52 -15.48
CA LYS A 54 13.32 -8.66 -14.78
C LYS A 54 14.73 -8.27 -14.28
N HIS A 55 15.17 -7.03 -14.58
CA HIS A 55 16.50 -6.54 -14.24
C HIS A 55 16.52 -5.71 -12.93
N SER A 56 17.72 -5.46 -12.42
CA SER A 56 17.94 -4.68 -11.21
C SER A 56 18.08 -3.18 -11.58
N GLY A 57 18.12 -2.32 -10.57
CA GLY A 57 18.33 -0.88 -10.77
C GLY A 57 17.10 -0.05 -10.98
N TYR A 58 15.91 -0.66 -10.89
CA TYR A 58 14.64 0.05 -11.02
C TYR A 58 13.89 0.13 -9.72
N THR A 59 13.04 1.15 -9.60
CA THR A 59 12.25 1.45 -8.42
C THR A 59 10.90 2.07 -8.87
N SER A 60 9.93 2.05 -7.98
CA SER A 60 8.61 2.62 -8.28
C SER A 60 8.26 3.73 -7.32
N VAL A 61 7.39 4.64 -7.81
CA VAL A 61 6.82 5.78 -7.09
C VAL A 61 5.32 5.76 -7.39
N LEU A 62 4.48 5.81 -6.34
CA LEU A 62 3.03 5.96 -6.57
C LEU A 62 2.66 7.43 -6.34
N MET A 63 1.77 7.95 -7.17
CA MET A 63 1.40 9.36 -7.11
C MET A 63 -0.13 9.51 -7.21
N GLN A 64 -0.73 10.20 -6.24
CA GLN A 64 -2.18 10.46 -6.16
C GLN A 64 -2.59 11.27 -7.40
N GLY A 65 -3.84 11.08 -7.84
CA GLY A 65 -4.38 11.83 -8.95
C GLY A 65 -4.58 11.03 -10.20
N SER A 66 -4.96 11.74 -11.26
CA SER A 66 -5.14 11.12 -12.58
C SER A 66 -3.75 10.65 -13.09
N GLY A 67 -3.70 9.85 -14.15
CA GLY A 67 -2.43 9.44 -14.73
C GLY A 67 -1.67 10.66 -15.22
N THR A 68 -2.39 11.69 -15.74
CA THR A 68 -1.79 12.96 -16.17
C THR A 68 -0.94 13.59 -15.05
N ALA A 69 -1.38 13.46 -13.77
CA ALA A 69 -0.61 13.96 -12.63
C ALA A 69 0.76 13.25 -12.51
N SER A 70 0.82 11.93 -12.82
CA SER A 70 2.08 11.16 -12.81
C SER A 70 2.97 11.54 -14.03
N VAL A 71 2.35 11.75 -15.22
CA VAL A 71 3.09 12.22 -16.39
C VAL A 71 3.69 13.60 -16.05
N GLU A 72 2.87 14.49 -15.49
CA GLU A 72 3.31 15.81 -15.08
C GLU A 72 4.37 15.79 -13.96
N ALA A 73 4.22 14.92 -12.98
CA ALA A 73 5.20 14.73 -11.89
C ALA A 73 6.54 14.32 -12.51
N THR A 74 6.50 13.47 -13.54
CA THR A 74 7.72 13.01 -14.21
C THR A 74 8.39 14.13 -14.97
N ILE A 75 7.66 14.79 -15.85
CA ILE A 75 8.22 15.87 -16.65
C ILE A 75 8.77 16.99 -15.75
N GLY A 76 7.96 17.45 -14.80
CA GLY A 76 8.31 18.54 -13.91
C GLY A 76 9.39 18.23 -12.90
N SER A 77 9.61 16.94 -12.58
CA SER A 77 10.65 16.52 -11.64
C SER A 77 11.96 16.10 -12.34
N ALA A 78 11.88 15.38 -13.47
CA ALA A 78 13.08 14.88 -14.17
C ALA A 78 13.83 15.94 -14.99
N ILE A 79 13.10 16.90 -15.57
CA ILE A 79 13.74 17.89 -16.44
C ILE A 79 14.27 19.06 -15.63
N GLY A 80 15.58 19.29 -15.71
CA GLY A 80 16.21 20.42 -15.02
C GLY A 80 15.81 21.76 -15.63
N LYS A 81 16.28 22.85 -15.03
CA LYS A 81 16.00 24.23 -15.48
C LYS A 81 16.51 24.49 -16.89
N GLU A 82 17.64 23.88 -17.27
CA GLU A 82 18.26 24.03 -18.60
C GLU A 82 17.83 22.92 -19.57
N GLY A 83 16.96 22.01 -19.12
CA GLY A 83 16.49 20.87 -19.89
C GLY A 83 15.58 21.23 -21.04
N LYS A 84 15.39 20.28 -21.95
CA LYS A 84 14.54 20.42 -23.13
C LYS A 84 13.99 19.05 -23.51
N LEU A 85 12.70 19.01 -23.81
CA LEU A 85 11.97 17.83 -24.14
C LEU A 85 11.69 17.68 -25.64
N LEU A 86 11.92 16.47 -26.16
CA LEU A 86 11.55 16.07 -27.50
C LEU A 86 10.37 15.11 -27.31
N VAL A 87 9.23 15.41 -27.93
CA VAL A 87 8.05 14.56 -27.78
C VAL A 87 7.51 14.12 -29.14
N VAL A 88 7.07 12.86 -29.22
CA VAL A 88 6.37 12.37 -30.38
C VAL A 88 4.89 12.72 -30.09
N ASP A 89 4.32 13.57 -30.92
CA ASP A 89 2.93 13.97 -30.76
C ASP A 89 2.11 13.40 -31.92
N ASN A 90 1.58 12.17 -31.78
CA ASN A 90 0.72 11.62 -32.83
C ASN A 90 -0.64 11.23 -32.23
N GLY A 91 -1.07 12.04 -31.29
CA GLY A 91 -2.36 11.89 -30.63
C GLY A 91 -2.44 12.82 -29.45
N ALA A 92 -3.61 12.84 -28.79
CA ALA A 92 -3.89 13.71 -27.66
C ALA A 92 -2.93 13.58 -26.48
N TYR A 93 -2.36 12.41 -26.23
CA TYR A 93 -1.48 12.18 -25.06
C TYR A 93 -0.07 12.64 -25.31
N GLY A 94 0.37 12.61 -26.57
CA GLY A 94 1.65 13.20 -26.94
C GLY A 94 1.53 14.72 -26.89
N ALA A 95 0.41 15.26 -27.42
CA ALA A 95 0.08 16.69 -27.37
C ALA A 95 -0.05 17.16 -25.89
N ARG A 96 -0.61 16.31 -25.02
CA ARG A 96 -0.74 16.64 -23.60
C ARG A 96 0.62 16.77 -22.92
N ILE A 97 1.59 15.91 -23.32
CA ILE A 97 2.97 15.96 -22.80
C ILE A 97 3.59 17.31 -23.20
N ALA A 98 3.33 17.78 -24.45
CA ALA A 98 3.81 19.08 -24.94
C ALA A 98 3.11 20.19 -24.16
N GLN A 99 1.82 19.99 -23.86
CA GLN A 99 1.05 20.97 -23.09
C GLN A 99 1.62 21.11 -21.67
N ILE A 100 2.01 19.97 -21.03
CA ILE A 100 2.62 20.00 -19.68
C ILE A 100 3.92 20.81 -19.70
N ALA A 101 4.80 20.53 -20.67
CA ALA A 101 6.08 21.24 -20.86
C ALA A 101 5.83 22.74 -21.00
N ASP A 102 4.81 23.13 -21.79
CA ASP A 102 4.41 24.54 -21.99
C ASP A 102 4.02 25.16 -20.64
N TYR A 103 3.18 24.48 -19.83
CA TYR A 103 2.77 24.98 -18.51
C TYR A 103 3.95 25.16 -17.56
N LEU A 104 4.93 24.27 -17.64
CA LEU A 104 6.10 24.27 -16.76
C LEU A 104 7.26 25.09 -17.29
N ASN A 105 7.04 25.82 -18.43
CA ASN A 105 8.06 26.63 -19.07
C ASN A 105 9.30 25.79 -19.44
N ILE A 106 9.07 24.59 -19.94
CA ILE A 106 10.12 23.67 -20.39
C ILE A 106 10.14 23.75 -21.90
N PRO A 107 11.28 24.14 -22.55
CA PRO A 107 11.31 24.16 -24.02
C PRO A 107 10.93 22.78 -24.57
N CYS A 108 10.11 22.75 -25.62
CA CYS A 108 9.62 21.48 -26.13
C CYS A 108 9.54 21.42 -27.64
N HIS A 109 10.15 20.38 -28.20
CA HIS A 109 10.14 20.15 -29.63
C HIS A 109 9.23 18.96 -29.89
N ALA A 110 8.16 19.18 -30.63
CA ALA A 110 7.25 18.12 -30.97
C ALA A 110 7.52 17.63 -32.40
N VAL A 111 7.74 16.31 -32.53
CA VAL A 111 7.93 15.59 -33.79
C VAL A 111 6.51 15.06 -33.96
N SER A 112 5.76 15.76 -34.78
CA SER A 112 4.34 15.55 -34.88
C SER A 112 3.89 14.90 -36.16
N PRO A 113 3.84 13.55 -36.22
CA PRO A 113 3.25 12.93 -37.41
C PRO A 113 1.72 13.06 -37.27
N GLY A 114 1.02 12.57 -38.26
CA GLY A 114 -0.42 12.55 -38.22
C GLY A 114 -0.82 11.49 -37.22
N GLU A 115 -2.10 11.48 -36.89
CA GLU A 115 -2.64 10.55 -35.90
C GLU A 115 -2.87 9.16 -36.48
N THR A 116 -2.82 9.01 -37.81
CA THR A 116 -3.06 7.71 -38.42
C THR A 116 -1.75 7.05 -38.90
N SER A 117 -0.63 7.74 -38.74
CA SER A 117 0.69 7.21 -39.05
C SER A 117 1.48 6.94 -37.78
N GLN A 118 2.33 5.92 -37.81
CA GLN A 118 3.26 5.57 -36.72
C GLN A 118 4.34 6.66 -36.71
N PRO A 119 5.07 6.89 -35.60
CA PRO A 119 6.12 7.91 -35.60
C PRO A 119 7.18 7.65 -36.67
N HIS A 120 7.69 8.72 -37.27
CA HIS A 120 8.72 8.62 -38.28
C HIS A 120 10.05 8.68 -37.54
N LEU A 121 10.77 7.53 -37.45
CA LEU A 121 12.08 7.46 -36.77
C LEU A 121 13.05 8.51 -37.32
N ASN A 122 13.02 8.73 -38.66
CA ASN A 122 13.86 9.70 -39.37
C ASN A 122 13.65 11.12 -38.84
N GLU A 123 12.41 11.46 -38.46
CA GLU A 123 12.07 12.77 -37.89
C GLU A 123 12.68 12.92 -36.51
N VAL A 124 12.55 11.86 -35.67
CA VAL A 124 13.10 11.82 -34.31
C VAL A 124 14.65 11.95 -34.36
N GLU A 125 15.27 11.19 -35.28
CA GLU A 125 16.71 11.15 -35.55
C GLU A 125 17.23 12.51 -35.99
N THR A 126 16.46 13.21 -36.85
CA THR A 126 16.80 14.54 -37.39
C THR A 126 16.68 15.59 -36.27
N ALA A 127 15.69 15.41 -35.38
CA ALA A 127 15.49 16.30 -34.25
C ALA A 127 16.69 16.17 -33.30
N LEU A 128 17.02 14.91 -32.92
CA LEU A 128 18.13 14.55 -32.03
C LEU A 128 19.50 14.98 -32.55
N ALA A 129 19.76 14.83 -33.86
CA ALA A 129 21.04 15.21 -34.45
C ALA A 129 21.23 16.73 -34.61
N SER A 130 20.14 17.47 -34.89
CA SER A 130 20.15 18.92 -35.10
C SER A 130 19.84 19.76 -33.87
N ASP A 131 19.32 19.15 -32.79
CA ASP A 131 18.99 19.90 -31.59
C ASP A 131 19.75 19.37 -30.35
N PRO A 132 21.01 19.84 -30.16
CA PRO A 132 21.81 19.35 -29.01
C PRO A 132 21.24 19.70 -27.64
N ALA A 133 20.43 20.78 -27.55
CA ALA A 133 19.80 21.26 -26.31
C ALA A 133 18.84 20.23 -25.69
N ILE A 134 18.31 19.28 -26.50
CA ILE A 134 17.39 18.20 -26.03
C ILE A 134 18.07 17.36 -24.94
N THR A 135 17.38 17.12 -23.84
CA THR A 135 17.93 16.32 -22.73
C THR A 135 17.03 15.11 -22.46
N HIS A 136 15.75 15.22 -22.82
CA HIS A 136 14.72 14.24 -22.55
C HIS A 136 13.89 13.96 -23.77
N VAL A 137 13.46 12.71 -23.90
CA VAL A 137 12.58 12.28 -24.99
C VAL A 137 11.36 11.61 -24.38
N ALA A 138 10.18 11.91 -24.89
CA ALA A 138 8.95 11.32 -24.40
C ALA A 138 8.19 10.70 -25.54
N ILE A 139 7.63 9.51 -25.31
CA ILE A 139 6.79 8.84 -26.31
C ILE A 139 5.66 8.12 -25.60
N VAL A 140 4.51 8.04 -26.27
CA VAL A 140 3.34 7.33 -25.78
C VAL A 140 3.40 5.92 -26.41
N HIS A 141 3.31 4.88 -25.55
CA HIS A 141 3.40 3.49 -26.02
C HIS A 141 2.15 3.15 -26.85
N CYS A 142 0.96 3.17 -26.22
CA CYS A 142 -0.30 2.95 -26.92
C CYS A 142 -0.97 4.31 -26.92
N GLU A 143 -1.14 4.88 -28.14
CA GLU A 143 -1.78 6.16 -28.30
C GLU A 143 -3.28 5.92 -28.34
N THR A 144 -3.89 5.99 -27.17
CA THR A 144 -5.29 5.73 -26.86
C THR A 144 -6.26 6.53 -27.70
N THR A 145 -5.85 7.73 -28.16
CA THR A 145 -6.62 8.61 -29.04
C THR A 145 -7.17 7.77 -30.20
N THR A 146 -6.32 6.92 -30.80
CA THR A 146 -6.67 6.12 -31.96
C THR A 146 -6.60 4.62 -31.71
N GLY A 147 -5.84 4.24 -30.68
CA GLY A 147 -5.58 2.84 -30.37
C GLY A 147 -4.31 2.42 -31.07
N MET A 148 -3.48 3.39 -31.53
CA MET A 148 -2.25 3.06 -32.21
C MET A 148 -1.21 2.48 -31.28
N LEU A 149 -0.49 1.44 -31.72
CA LEU A 149 0.60 0.91 -30.92
C LEU A 149 1.82 1.51 -31.53
N ASN A 150 2.44 2.42 -30.81
CA ASN A 150 3.60 3.09 -31.33
C ASN A 150 4.84 2.23 -31.20
N PRO A 151 5.73 2.17 -32.22
CA PRO A 151 7.00 1.43 -32.03
C PRO A 151 7.75 2.26 -31.00
N ILE A 152 8.24 1.63 -29.95
CA ILE A 152 8.92 2.36 -28.87
C ILE A 152 10.37 1.96 -28.76
N GLU A 153 10.69 0.71 -29.17
CA GLU A 153 12.04 0.15 -29.11
C GLU A 153 13.04 0.95 -29.96
N ALA A 154 12.75 1.20 -31.24
CA ALA A 154 13.70 1.95 -32.07
C ALA A 154 13.83 3.39 -31.59
N PHE A 155 12.71 4.01 -31.22
CA PHE A 155 12.67 5.37 -30.68
C PHE A 155 13.55 5.50 -29.43
N ALA A 156 13.38 4.57 -28.47
CA ALA A 156 14.14 4.52 -27.21
C ALA A 156 15.63 4.27 -27.46
N SER A 157 15.94 3.41 -28.44
CA SER A 157 17.31 3.08 -28.82
C SER A 157 18.02 4.32 -29.39
N ALA A 158 17.33 5.06 -30.28
CA ALA A 158 17.81 6.30 -30.88
C ALA A 158 18.06 7.34 -29.78
N ALA A 159 17.10 7.49 -28.86
CA ALA A 159 17.21 8.46 -27.77
C ALA A 159 18.43 8.19 -26.88
N LYS A 160 18.68 6.91 -26.51
CA LYS A 160 19.80 6.48 -25.67
C LYS A 160 21.14 6.66 -26.37
N ALA A 161 21.21 6.35 -27.69
CA ALA A 161 22.40 6.52 -28.52
C ALA A 161 22.84 8.00 -28.56
N HIS A 162 21.88 8.93 -28.35
CA HIS A 162 22.12 10.38 -28.28
C HIS A 162 22.29 10.89 -26.83
N GLY A 163 22.31 9.95 -25.90
CA GLY A 163 22.50 10.19 -24.47
C GLY A 163 21.38 10.94 -23.78
N LYS A 164 20.12 10.76 -24.24
CA LYS A 164 18.95 11.43 -23.64
C LYS A 164 18.23 10.53 -22.63
N VAL A 165 17.46 11.17 -21.72
CA VAL A 165 16.67 10.47 -20.73
C VAL A 165 15.33 10.13 -21.42
N VAL A 166 14.92 8.85 -21.37
CA VAL A 166 13.68 8.36 -22.00
C VAL A 166 12.52 8.27 -21.02
N ILE A 167 11.42 8.90 -21.39
CA ILE A 167 10.18 8.90 -20.65
C ILE A 167 9.16 8.19 -21.53
N LEU A 168 8.54 7.16 -20.99
CA LEU A 168 7.51 6.43 -21.71
C LEU A 168 6.13 6.58 -21.04
N ASP A 169 5.15 7.11 -21.79
CA ASP A 169 3.78 7.13 -21.31
C ASP A 169 3.17 5.77 -21.68
N ALA A 170 3.21 4.84 -20.73
CA ALA A 170 2.66 3.49 -20.91
C ALA A 170 1.33 3.37 -20.15
N MET A 171 0.58 4.44 -20.08
CA MET A 171 -0.70 4.48 -19.39
C MET A 171 -1.68 3.39 -19.83
N SER A 172 -1.87 3.24 -21.16
CA SER A 172 -2.83 2.26 -21.67
C SER A 172 -2.18 0.96 -22.14
N SER A 173 -0.87 0.79 -21.94
CA SER A 173 -0.18 -0.41 -22.38
C SER A 173 0.37 -1.26 -21.25
N PHE A 174 0.97 -0.66 -20.20
CA PHE A 174 1.59 -1.44 -19.13
C PHE A 174 0.60 -2.38 -18.44
N GLY A 175 0.93 -3.66 -18.37
CA GLY A 175 0.04 -4.68 -17.82
C GLY A 175 -0.72 -5.45 -18.88
N GLY A 176 -0.77 -4.89 -20.10
CA GLY A 176 -1.47 -5.49 -21.23
C GLY A 176 -0.60 -5.83 -22.42
N ILE A 177 0.61 -5.25 -22.47
CA ILE A 177 1.55 -5.44 -23.57
C ILE A 177 2.89 -5.74 -22.94
N PRO A 178 3.47 -6.94 -23.16
CA PRO A 178 4.74 -7.26 -22.52
C PRO A 178 5.84 -6.27 -22.87
N ILE A 179 6.55 -5.77 -21.86
CA ILE A 179 7.71 -4.90 -22.08
C ILE A 179 8.67 -5.07 -20.94
N ASP A 180 9.95 -4.92 -21.20
CA ASP A 180 10.98 -4.89 -20.19
C ASP A 180 11.60 -3.52 -20.37
N ILE A 181 11.26 -2.60 -19.47
CA ILE A 181 11.71 -1.20 -19.56
C ILE A 181 13.25 -1.05 -19.43
N ALA A 182 13.92 -1.98 -18.75
CA ALA A 182 15.38 -1.91 -18.63
C ALA A 182 15.99 -2.26 -19.98
N GLU A 183 15.45 -3.32 -20.65
CA GLU A 183 15.93 -3.76 -21.96
C GLU A 183 15.67 -2.72 -23.02
N LEU A 184 14.54 -2.02 -22.94
CA LEU A 184 14.20 -0.97 -23.89
C LEU A 184 14.94 0.35 -23.63
N GLY A 185 15.54 0.50 -22.46
CA GLY A 185 16.27 1.72 -22.12
C GLY A 185 15.34 2.83 -21.71
N ILE A 186 14.22 2.47 -21.09
CA ILE A 186 13.23 3.43 -20.57
C ILE A 186 13.70 3.90 -19.18
N ASP A 187 13.84 5.21 -18.99
CA ASP A 187 14.27 5.78 -17.72
C ASP A 187 13.14 6.00 -16.77
N PHE A 188 11.97 6.45 -17.28
CA PHE A 188 10.76 6.66 -16.48
C PHE A 188 9.59 6.14 -17.28
N MET A 189 8.92 5.11 -16.76
CA MET A 189 7.73 4.60 -17.41
C MET A 189 6.59 5.02 -16.50
N ILE A 190 5.57 5.57 -17.10
CA ILE A 190 4.39 6.03 -16.37
C ILE A 190 3.21 5.16 -16.73
N SER A 191 2.47 4.70 -15.72
CA SER A 191 1.25 3.98 -16.04
C SER A 191 0.17 4.27 -15.02
N SER A 192 -0.98 3.64 -15.24
CA SER A 192 -2.21 3.87 -14.51
C SER A 192 -2.61 2.73 -13.61
N ALA A 193 -3.43 3.05 -12.61
CA ALA A 193 -4.00 2.05 -11.72
C ALA A 193 -5.20 1.38 -12.40
N ASN A 194 -5.81 2.09 -13.34
CA ASN A 194 -7.11 1.67 -13.85
C ASN A 194 -7.24 1.36 -15.33
N CYS A 196 -4.80 -1.38 -18.08
CA CYS A 196 -4.50 -2.84 -18.24
C CYS A 196 -4.30 -3.61 -16.93
N ILE A 197 -3.88 -2.94 -15.84
CA ILE A 197 -3.77 -3.64 -14.56
C ILE A 197 -5.20 -3.89 -14.00
N GLN A 198 -6.22 -3.13 -14.47
CA GLN A 198 -7.62 -3.33 -14.11
C GLN A 198 -8.00 -2.99 -12.66
N GLY A 199 -7.27 -2.06 -12.07
CA GLY A 199 -7.62 -1.52 -10.76
C GLY A 199 -8.63 -0.41 -10.99
N VAL A 200 -8.85 0.41 -9.95
CA VAL A 200 -9.80 1.53 -10.03
C VAL A 200 -9.01 2.83 -10.07
N PRO A 201 -9.58 3.94 -10.62
CA PRO A 201 -8.82 5.21 -10.64
C PRO A 201 -8.55 5.75 -9.23
N GLY A 202 -7.54 6.60 -9.11
CA GLY A 202 -7.22 7.24 -7.83
C GLY A 202 -5.78 7.67 -7.79
N PHE A 203 -4.92 6.93 -8.49
CA PHE A 203 -3.48 7.20 -8.51
C PHE A 203 -2.84 6.61 -9.75
N GLY A 204 -1.66 7.11 -10.06
CA GLY A 204 -0.82 6.63 -11.13
C GLY A 204 0.51 6.25 -10.53
N PHE A 205 1.42 5.76 -11.34
CA PHE A 205 2.74 5.39 -10.84
C PHE A 205 3.80 5.53 -11.90
N VAL A 206 5.03 5.61 -11.44
CA VAL A 206 6.18 5.76 -12.30
C VAL A 206 7.17 4.71 -11.88
N ILE A 207 7.66 3.92 -12.87
CA ILE A 207 8.68 2.92 -12.67
C ILE A 207 9.93 3.48 -13.32
N ALA A 208 10.95 3.77 -12.48
CA ALA A 208 12.11 4.50 -12.95
C ALA A 208 13.43 3.88 -12.60
N LYS A 209 14.46 4.17 -13.43
CA LYS A 209 15.84 3.72 -13.21
C LYS A 209 16.25 4.49 -11.99
N LYS A 210 16.64 3.77 -10.93
CA LYS A 210 16.99 4.38 -9.63
C LYS A 210 17.88 5.62 -9.76
N THR A 211 18.99 5.51 -10.48
CA THR A 211 19.97 6.58 -10.71
C THR A 211 19.37 7.80 -11.41
N GLU A 212 18.46 7.57 -12.35
CA GLU A 212 17.75 8.65 -13.06
C GLU A 212 16.75 9.33 -12.13
N LEU A 213 16.07 8.55 -11.26
CA LEU A 213 15.13 9.10 -10.29
C LEU A 213 15.86 9.97 -9.23
N GLU A 214 17.06 9.56 -8.80
CA GLU A 214 17.85 10.32 -7.82
C GLU A 214 18.22 11.72 -8.35
N LYS A 215 18.33 11.89 -9.67
CA LYS A 215 18.65 13.18 -10.29
C LYS A 215 17.49 14.17 -10.14
N CYS A 216 16.26 13.67 -9.85
CA CYS A 216 15.06 14.48 -9.64
C CYS A 216 15.06 15.29 -8.36
N GLN A 217 15.94 14.96 -7.40
CA GLN A 217 15.97 15.64 -6.12
C GLN A 217 16.18 17.15 -6.25
N GLY A 218 15.27 17.92 -5.64
CA GLY A 218 15.36 19.37 -5.61
C GLY A 218 15.09 20.08 -6.92
N GLN A 219 14.55 19.36 -7.92
CA GLN A 219 14.27 19.92 -9.25
C GLN A 219 12.76 20.06 -9.49
N ALA A 220 11.90 19.53 -8.57
CA ALA A 220 10.46 19.56 -8.83
C ALA A 220 9.89 20.95 -8.97
N ARG A 221 8.87 21.07 -9.84
CA ARG A 221 8.14 22.30 -10.09
C ARG A 221 6.82 22.34 -9.30
N SER A 222 6.56 21.26 -8.53
CA SER A 222 5.35 21.11 -7.75
C SER A 222 5.63 20.35 -6.49
N LEU A 223 4.95 20.68 -5.39
CA LEU A 223 5.15 19.94 -4.13
C LEU A 223 4.41 18.64 -4.24
N SER A 224 3.13 18.72 -4.64
CA SER A 224 2.28 17.52 -4.78
C SER A 224 2.89 16.54 -5.76
N LEU A 225 3.47 17.07 -6.85
CA LEU A 225 4.02 16.27 -7.94
C LEU A 225 5.57 16.17 -7.89
N ASP A 226 6.12 16.32 -6.68
CA ASP A 226 7.57 16.20 -6.49
C ASP A 226 7.85 14.69 -6.43
N LEU A 227 8.32 14.15 -7.57
CA LEU A 227 8.58 12.72 -7.74
C LEU A 227 9.67 12.19 -6.80
N TYR A 228 10.80 12.87 -6.70
CA TYR A 228 11.86 12.42 -5.80
C TYR A 228 11.38 12.44 -4.37
N ASP A 229 10.79 13.56 -3.91
CA ASP A 229 10.31 13.70 -2.53
C ASP A 229 9.32 12.60 -2.17
N GLN A 230 8.39 12.30 -3.10
CA GLN A 230 7.39 11.26 -2.94
C GLN A 230 8.06 9.90 -2.80
N TRP A 231 8.99 9.61 -3.70
CA TRP A 231 9.74 8.36 -3.67
C TRP A 231 10.55 8.24 -2.40
N HIS A 232 11.26 9.33 -2.02
CA HIS A 232 12.15 9.32 -0.86
C HIS A 232 11.40 8.98 0.43
N CYS A 233 10.21 9.53 0.58
CA CYS A 233 9.39 9.25 1.73
C CYS A 233 8.97 7.76 1.75
N MET A 234 8.57 7.20 0.58
CA MET A 234 8.19 5.78 0.44
C MET A 234 9.38 4.88 0.70
N GLU A 235 10.57 5.36 0.38
CA GLU A 235 11.78 4.62 0.65
C GLU A 235 12.10 4.63 2.12
N VAL A 236 12.33 5.80 2.71
CA VAL A 236 12.76 5.90 4.12
C VAL A 236 11.67 5.47 5.10
N ASN A 237 10.42 5.74 4.76
CA ASN A 237 9.30 5.42 5.61
C ASN A 237 8.48 4.23 5.12
N HIS A 238 9.10 3.35 4.34
CA HIS A 238 8.55 2.08 3.87
C HIS A 238 7.09 2.11 3.48
N GLY A 239 6.80 2.79 2.39
CA GLY A 239 5.45 2.82 1.84
C GLY A 239 4.65 4.06 2.15
N LYS A 240 5.09 4.81 3.13
CA LYS A 240 4.41 6.03 3.56
C LYS A 240 4.31 7.06 2.43
N TRP A 241 3.09 7.48 2.09
CA TRP A 241 2.85 8.54 1.10
C TRP A 241 2.91 9.85 1.86
N ARG A 242 3.64 10.85 1.33
CA ARG A 242 3.78 12.15 2.01
C ARG A 242 2.46 12.72 2.47
N PHE A 243 1.47 12.75 1.56
CA PHE A 243 0.14 13.31 1.83
C PHE A 243 -0.84 12.19 1.66
N THR A 244 -2.10 12.41 2.00
CA THR A 244 -3.14 11.37 1.97
C THR A 244 -3.21 10.68 0.62
N SER A 245 -3.25 9.35 0.67
CA SER A 245 -3.37 8.50 -0.51
C SER A 245 -4.83 7.97 -0.61
N PRO A 246 -5.28 7.60 -1.81
CA PRO A 246 -6.66 7.08 -1.95
C PRO A 246 -6.59 5.59 -1.51
N THR A 247 -6.45 5.36 -0.20
CA THR A 247 -6.27 4.07 0.46
C THR A 247 -7.10 2.92 -0.15
N HIS A 248 -8.41 3.11 -0.29
CA HIS A 248 -9.34 2.09 -0.83
C HIS A 248 -8.95 1.72 -2.24
N THR A 249 -8.62 2.71 -3.07
CA THR A 249 -8.22 2.44 -4.45
C THR A 249 -6.84 1.74 -4.49
N VAL A 250 -5.95 2.05 -3.51
CA VAL A 250 -4.63 1.42 -3.43
C VAL A 250 -4.84 -0.05 -3.06
N ARG A 251 -5.77 -0.32 -2.16
CA ARG A 251 -6.07 -1.70 -1.74
C ARG A 251 -6.73 -2.45 -2.89
N ALA A 252 -7.55 -1.78 -3.70
CA ALA A 252 -8.21 -2.38 -4.89
C ALA A 252 -7.12 -2.75 -5.91
N PHE A 253 -6.09 -1.89 -6.04
CA PHE A 253 -4.96 -2.13 -6.95
C PHE A 253 -4.15 -3.33 -6.52
N TYR A 254 -3.93 -3.48 -5.21
CA TYR A 254 -3.23 -4.64 -4.64
C TYR A 254 -3.98 -5.93 -5.11
N GLN A 255 -5.32 -5.88 -5.11
CA GLN A 255 -6.19 -6.96 -5.54
C GLN A 255 -6.08 -7.21 -7.03
N ALA A 256 -6.05 -6.10 -7.84
CA ALA A 256 -5.88 -6.15 -9.30
C ALA A 256 -4.55 -6.88 -9.64
N LEU A 257 -3.48 -6.64 -8.83
CA LEU A 257 -2.18 -7.29 -9.04
C LEU A 257 -2.25 -8.78 -8.80
N LEU A 258 -3.01 -9.20 -7.77
CA LEU A 258 -3.22 -10.62 -7.46
C LEU A 258 -3.95 -11.28 -8.63
N GLU A 259 -4.96 -10.60 -9.21
CA GLU A 259 -5.74 -11.15 -10.33
C GLU A 259 -4.97 -11.22 -11.63
N LEU A 260 -4.01 -10.31 -11.84
CA LEU A 260 -3.15 -10.32 -13.02
C LEU A 260 -2.26 -11.58 -12.93
N GLU A 261 -1.65 -11.79 -11.75
CA GLU A 261 -0.84 -12.98 -11.45
C GLU A 261 -1.63 -14.27 -11.69
N GLN A 262 -2.88 -14.31 -11.19
CA GLN A 262 -3.85 -15.40 -11.26
C GLN A 262 -4.20 -15.71 -12.71
N GLU A 263 -4.24 -14.66 -13.58
CA GLU A 263 -4.55 -14.84 -15.01
C GLU A 263 -3.37 -15.48 -15.76
N GLY A 264 -2.16 -15.35 -15.21
CA GLY A 264 -0.93 -15.86 -15.79
C GLY A 264 0.03 -14.75 -16.19
N GLY A 265 -0.18 -13.56 -15.62
CA GLY A 265 0.68 -12.40 -15.87
C GLY A 265 0.35 -11.65 -17.12
N ILE A 266 1.23 -10.70 -17.47
CA ILE A 266 1.07 -9.80 -18.61
C ILE A 266 0.98 -10.55 -19.95
N GLU A 267 1.75 -11.66 -20.11
CA GLU A 267 1.75 -12.50 -21.30
C GLU A 267 0.33 -13.05 -21.55
N ALA A 268 -0.31 -13.61 -20.53
CA ALA A 268 -1.68 -14.14 -20.64
C ALA A 268 -2.70 -12.98 -20.83
N ARG A 269 -2.52 -11.85 -20.14
CA ARG A 269 -3.44 -10.72 -20.31
C ARG A 269 -3.35 -10.19 -21.72
N HIS A 270 -2.11 -10.07 -22.25
CA HIS A 270 -1.83 -9.65 -23.61
C HIS A 270 -2.55 -10.56 -24.59
N ASN A 271 -2.50 -11.90 -24.37
CA ASN A 271 -3.18 -12.86 -25.23
C ASN A 271 -4.67 -12.67 -25.28
N ARG A 272 -5.31 -12.48 -24.12
CA ARG A 272 -6.76 -12.24 -24.05
C ARG A 272 -7.13 -10.93 -24.78
N TYR A 273 -6.38 -9.86 -24.48
CA TYR A 273 -6.63 -8.52 -25.08
C TYR A 273 -6.47 -8.56 -26.58
N GLN A 274 -5.36 -9.16 -27.06
CA GLN A 274 -5.06 -9.32 -28.48
C GLN A 274 -6.18 -10.11 -29.21
N THR A 275 -6.67 -11.20 -28.59
CA THR A 275 -7.76 -12.03 -29.11
C THR A 275 -9.07 -11.25 -29.18
N ASN A 276 -9.41 -10.55 -28.10
CA ASN A 276 -10.62 -9.70 -28.04
C ASN A 276 -10.56 -8.68 -29.16
N GLN A 277 -9.41 -8.00 -29.29
CA GLN A 277 -9.20 -6.96 -30.26
C GLN A 277 -9.36 -7.46 -31.72
N LYS A 278 -8.76 -8.62 -32.06
CA LYS A 278 -8.81 -9.17 -33.42
C LYS A 278 -10.19 -9.69 -33.78
N THR A 279 -10.87 -10.28 -32.81
CA THR A 279 -12.23 -10.80 -32.97
C THR A 279 -13.16 -9.59 -33.18
N LEU A 280 -12.94 -8.56 -32.38
CA LEU A 280 -13.72 -7.31 -32.49
C LEU A 280 -13.60 -6.73 -33.88
N VAL A 281 -12.36 -6.54 -34.36
CA VAL A 281 -12.09 -5.98 -35.69
C VAL A 281 -12.78 -6.80 -36.78
N ALA A 282 -12.65 -8.16 -36.73
CA ALA A 282 -13.27 -9.03 -37.73
C ALA A 282 -14.79 -8.94 -37.66
N GLY A 283 -15.35 -8.85 -36.47
CA GLY A 283 -16.80 -8.71 -36.29
C GLY A 283 -17.32 -7.39 -36.82
N MET A 284 -16.62 -6.30 -36.51
CA MET A 284 -16.98 -4.97 -36.98
C MET A 284 -16.91 -4.87 -38.48
N ARG A 285 -15.86 -5.46 -39.10
CA ARG A 285 -15.71 -5.47 -40.55
C ARG A 285 -16.85 -6.21 -41.22
N SER A 286 -17.34 -7.32 -40.61
CA SER A 286 -18.44 -8.13 -41.16
C SER A 286 -19.74 -7.33 -41.18
N LEU A 287 -19.84 -6.31 -40.30
CA LEU A 287 -20.97 -5.39 -40.20
C LEU A 287 -20.79 -4.11 -41.03
N GLY A 288 -19.66 -4.01 -41.74
CA GLY A 288 -19.37 -2.89 -42.64
C GLY A 288 -18.59 -1.76 -42.03
N PHE A 289 -18.14 -1.90 -40.78
CA PHE A 289 -17.37 -0.86 -40.13
C PHE A 289 -15.91 -0.93 -40.59
N GLU A 290 -15.28 0.23 -40.71
CA GLU A 290 -13.89 0.28 -41.12
C GLU A 290 -13.02 0.83 -39.99
N PRO A 291 -11.94 0.12 -39.60
CA PRO A 291 -11.04 0.66 -38.57
C PRO A 291 -10.32 1.90 -39.11
N LEU A 292 -10.10 2.93 -38.26
CA LEU A 292 -9.39 4.14 -38.63
C LEU A 292 -7.93 3.83 -39.08
N LEU A 293 -7.26 2.95 -38.35
CA LEU A 293 -5.88 2.58 -38.60
C LEU A 293 -5.73 1.31 -39.34
N SER A 294 -4.61 1.17 -40.10
CA SER A 294 -4.32 -0.10 -40.77
C SER A 294 -3.97 -1.10 -39.67
N ASP A 295 -4.38 -2.36 -39.87
CA ASP A 295 -4.25 -3.45 -38.90
C ASP A 295 -2.86 -3.60 -38.28
N ASP A 296 -1.80 -3.33 -39.05
CA ASP A 296 -0.42 -3.47 -38.58
C ASP A 296 -0.10 -2.50 -37.45
N LEU A 297 -0.87 -1.38 -37.34
CA LEU A 297 -0.69 -0.32 -36.33
C LEU A 297 -1.56 -0.49 -35.11
N HIS A 298 -2.52 -1.42 -35.16
CA HIS A 298 -3.47 -1.67 -34.07
C HIS A 298 -2.83 -2.13 -32.79
N SER A 299 -3.26 -1.54 -31.68
CA SER A 299 -2.85 -2.02 -30.37
C SER A 299 -3.89 -3.09 -30.00
N PRO A 300 -3.61 -3.94 -29.00
CA PRO A 300 -4.64 -4.89 -28.56
C PRO A 300 -5.55 -4.31 -27.47
N ILE A 301 -5.56 -2.98 -27.29
CA ILE A 301 -6.23 -2.27 -26.16
C ILE A 301 -7.56 -1.62 -26.50
N ILE A 302 -7.56 -0.78 -27.54
CA ILE A 302 -8.72 -0.01 -27.96
C ILE A 302 -8.60 0.20 -29.45
N THR A 303 -9.74 0.24 -30.15
CA THR A 303 -9.75 0.40 -31.59
C THR A 303 -10.67 1.53 -32.00
N SER A 304 -10.20 2.39 -32.91
CA SER A 304 -10.97 3.47 -33.54
C SER A 304 -11.61 2.94 -34.80
N PHE A 305 -12.88 3.27 -35.02
CA PHE A 305 -13.61 2.89 -36.21
C PHE A 305 -14.24 4.14 -36.80
N TYR A 306 -14.21 4.25 -38.11
CA TYR A 306 -14.84 5.39 -38.77
C TYR A 306 -16.31 5.36 -38.48
N SER A 307 -16.88 6.52 -38.25
CA SER A 307 -18.31 6.64 -38.07
C SER A 307 -19.00 6.29 -39.39
N PRO A 308 -20.11 5.52 -39.35
CA PRO A 308 -20.86 5.26 -40.59
C PRO A 308 -21.23 6.56 -41.31
N THR A 309 -21.13 6.57 -42.66
CA THR A 309 -21.41 7.73 -43.47
C THR A 309 -22.91 7.97 -43.66
N HIS A 310 -23.77 6.95 -43.41
CA HIS A 310 -25.24 7.09 -43.51
C HIS A 310 -25.70 8.37 -42.78
N SER A 311 -26.47 9.20 -43.48
CA SER A 311 -26.96 10.48 -42.96
C SER A 311 -27.74 10.41 -41.66
N ASP A 312 -28.34 9.25 -41.33
CA ASP A 312 -29.07 9.07 -40.08
C ASP A 312 -28.18 8.61 -38.92
N TYR A 313 -26.89 8.28 -39.18
CA TYR A 313 -26.00 7.88 -38.10
C TYR A 313 -25.68 9.05 -37.21
N GLN A 314 -25.76 8.80 -35.91
CA GLN A 314 -25.45 9.78 -34.88
C GLN A 314 -24.83 8.99 -33.76
N PHE A 315 -23.63 9.41 -33.29
CA PHE A 315 -22.94 8.69 -32.23
C PHE A 315 -23.81 8.49 -30.99
N LYS A 316 -24.46 9.54 -30.51
CA LYS A 316 -25.28 9.51 -29.30
C LYS A 316 -26.41 8.51 -29.38
N ALA A 317 -27.12 8.43 -30.53
CA ALA A 317 -28.22 7.48 -30.71
C ALA A 317 -27.70 6.05 -30.71
N PHE A 318 -26.57 5.83 -31.40
CA PHE A 318 -25.90 4.54 -31.49
C PHE A 318 -25.40 4.12 -30.12
N TYR A 319 -24.75 5.05 -29.40
CA TYR A 319 -24.24 4.86 -28.04
C TYR A 319 -25.38 4.47 -27.07
N THR A 320 -26.51 5.18 -27.18
CA THR A 320 -27.70 4.95 -26.34
C THR A 320 -28.28 3.57 -26.59
N ARG A 321 -28.40 3.14 -27.87
CA ARG A 321 -28.91 1.82 -28.23
C ARG A 321 -28.00 0.69 -27.77
N LEU A 322 -26.69 0.92 -27.72
CA LEU A 322 -25.74 -0.07 -27.22
C LEU A 322 -25.78 -0.17 -25.71
N LYS A 323 -25.94 0.99 -25.03
CA LYS A 323 -26.06 1.08 -23.59
C LYS A 323 -27.29 0.29 -23.10
N GLU A 324 -28.43 0.39 -23.85
CA GLU A 324 -29.68 -0.34 -23.60
C GLU A 324 -29.47 -1.86 -23.67
N GLN A 325 -28.43 -2.29 -24.39
CA GLN A 325 -28.06 -3.69 -24.57
C GLN A 325 -26.93 -4.11 -23.62
N GLY A 326 -26.53 -3.18 -22.73
CA GLY A 326 -25.50 -3.43 -21.72
C GLY A 326 -24.07 -3.13 -22.12
N PHE A 327 -23.85 -2.30 -23.17
CA PHE A 327 -22.48 -1.98 -23.60
C PHE A 327 -22.23 -0.50 -23.67
N VAL A 328 -21.13 -0.05 -23.05
CA VAL A 328 -20.74 1.34 -23.11
C VAL A 328 -19.56 1.47 -24.04
N ILE A 329 -19.78 2.09 -25.20
CA ILE A 329 -18.69 2.31 -26.16
C ILE A 329 -18.10 3.70 -25.91
N TYR A 330 -17.17 4.12 -26.74
CA TYR A 330 -16.44 5.32 -26.40
C TYR A 330 -16.40 6.34 -27.53
N PRO A 331 -16.39 7.66 -27.23
CA PRO A 331 -16.31 8.65 -28.33
C PRO A 331 -14.96 8.62 -29.06
N GLY A 332 -14.95 9.10 -30.30
CA GLY A 332 -13.74 9.25 -31.08
C GLY A 332 -12.94 10.42 -30.50
N LYS A 333 -11.63 10.44 -30.71
CA LYS A 333 -10.79 11.49 -30.16
C LYS A 333 -9.85 12.03 -31.23
N VAL A 334 -9.91 11.46 -32.43
CA VAL A 334 -9.06 11.83 -33.55
C VAL A 334 -9.58 13.18 -34.05
N SER A 335 -8.69 14.15 -34.20
CA SER A 335 -9.05 15.52 -34.61
C SER A 335 -9.54 15.63 -36.03
N ASN A 336 -8.99 14.83 -36.93
CA ASN A 336 -9.25 14.99 -38.35
C ASN A 336 -10.03 13.85 -39.01
N ALA A 337 -10.85 13.16 -38.22
CA ALA A 337 -11.71 12.07 -38.71
C ALA A 337 -12.90 11.93 -37.79
N ASP A 338 -14.04 11.52 -38.34
CA ASP A 338 -15.26 11.26 -37.58
C ASP A 338 -15.23 9.76 -37.21
N CYS A 339 -14.92 9.47 -35.93
CA CYS A 339 -14.73 8.12 -35.37
C CYS A 339 -15.46 7.88 -34.07
N PHE A 340 -15.46 6.61 -33.66
CA PHE A 340 -15.85 6.17 -32.32
C PHE A 340 -14.82 5.12 -31.93
N ARG A 341 -14.75 4.77 -30.65
CA ARG A 341 -13.80 3.78 -30.16
C ARG A 341 -14.50 2.71 -29.38
N ILE A 342 -13.91 1.52 -29.39
CA ILE A 342 -14.35 0.38 -28.59
C ILE A 342 -13.09 -0.17 -27.92
N GLY A 343 -13.06 -0.14 -26.59
CA GLY A 343 -11.97 -0.72 -25.81
C GLY A 343 -12.27 -2.20 -25.62
N ASN A 344 -11.26 -3.00 -25.24
CA ASN A 344 -11.53 -4.41 -25.00
C ASN A 344 -10.76 -4.92 -23.80
N ILE A 345 -10.53 -4.04 -22.84
CA ILE A 345 -9.77 -4.32 -21.60
C ILE A 345 -10.73 -4.31 -20.41
N GLY A 346 -10.25 -4.76 -19.25
CA GLY A 346 -11.13 -4.89 -18.10
C GLY A 346 -11.78 -6.25 -18.14
N GLU A 347 -13.03 -6.38 -17.63
CA GLU A 347 -13.76 -7.65 -17.60
C GLU A 347 -14.39 -7.95 -18.94
N VAL A 348 -13.54 -7.94 -20.00
CA VAL A 348 -13.90 -8.22 -21.38
C VAL A 348 -13.19 -9.50 -21.80
N TYR A 349 -14.02 -10.48 -22.18
CA TYR A 349 -13.65 -11.83 -22.60
C TYR A 349 -14.21 -12.12 -24.00
N PRO A 350 -13.68 -13.13 -24.74
CA PRO A 350 -14.19 -13.41 -26.10
C PRO A 350 -15.72 -13.54 -26.23
N ALA A 351 -16.39 -14.10 -25.21
CA ALA A 351 -17.85 -14.23 -25.16
C ALA A 351 -18.54 -12.85 -25.19
N ASP A 352 -17.92 -11.84 -24.55
CA ASP A 352 -18.44 -10.48 -24.51
C ASP A 352 -18.33 -9.84 -25.87
N ILE A 353 -17.19 -10.08 -26.58
CA ILE A 353 -16.95 -9.54 -27.91
C ILE A 353 -18.00 -10.14 -28.87
N GLU A 354 -18.31 -11.43 -28.73
CA GLU A 354 -19.32 -12.07 -29.57
C GLU A 354 -20.70 -11.47 -29.33
N ARG A 355 -21.08 -11.29 -28.06
CA ARG A 355 -22.33 -10.66 -27.64
C ARG A 355 -22.39 -9.17 -28.12
N LEU A 356 -21.25 -8.47 -28.06
CA LEU A 356 -21.13 -7.07 -28.50
C LEU A 356 -21.32 -6.97 -30.01
N ILE A 357 -20.85 -7.96 -30.78
CA ILE A 357 -21.01 -7.90 -32.24
C ILE A 357 -22.50 -8.02 -32.59
N GLY A 358 -23.24 -8.85 -31.85
CA GLY A 358 -24.68 -8.98 -31.99
C GLY A 358 -25.39 -7.70 -31.61
N ALA A 359 -24.96 -7.07 -30.49
CA ALA A 359 -25.51 -5.82 -29.97
C ALA A 359 -25.25 -4.67 -30.95
N ILE A 360 -24.01 -4.61 -31.54
CA ILE A 360 -23.61 -3.61 -32.56
C ILE A 360 -24.63 -3.67 -33.71
N GLU A 361 -24.91 -4.88 -34.21
CA GLU A 361 -25.86 -5.13 -35.30
C GLU A 361 -27.25 -4.61 -34.96
N LYS A 362 -27.81 -5.00 -33.80
CA LYS A 362 -29.14 -4.54 -33.36
C LYS A 362 -29.24 -3.01 -33.19
N ALA A 363 -28.11 -2.32 -32.86
CA ALA A 363 -28.06 -0.87 -32.66
C ALA A 363 -27.90 -0.10 -33.99
N MET A 364 -27.69 -0.83 -35.11
CA MET A 364 -27.54 -0.19 -36.42
C MET A 364 -28.90 0.20 -37.00
N TYR A 365 -29.59 1.13 -36.29
CA TYR A 365 -30.93 1.64 -36.60
C TYR A 365 -31.09 2.27 -37.98
N TRP A 366 -29.99 2.77 -38.57
CA TRP A 366 -29.95 3.45 -39.88
C TRP A 366 -29.98 2.48 -41.06
N GLN A 367 -29.80 1.16 -40.83
CA GLN A 367 -29.84 0.20 -41.94
C GLN A 367 -30.96 -0.83 -41.77
N GLU B 6 -13.28 -3.50 12.54
CA GLU B 6 -12.22 -4.02 13.38
C GLU B 6 -11.63 -2.95 14.33
N TYR B 7 -11.40 -1.74 13.80
CA TYR B 7 -10.86 -0.61 14.58
C TYR B 7 -11.64 0.62 14.27
N LEU B 8 -11.70 1.52 15.26
CA LEU B 8 -12.24 2.84 15.04
C LEU B 8 -11.02 3.73 14.81
N LEU B 9 -11.01 4.43 13.67
CA LEU B 9 -9.90 5.31 13.34
C LEU B 9 -10.11 6.68 13.95
N LEU B 10 -9.38 6.97 15.03
CA LEU B 10 -9.50 8.27 15.69
C LEU B 10 -8.41 9.20 15.14
N THR B 11 -8.49 9.36 13.82
CA THR B 11 -7.56 10.13 12.99
C THR B 11 -8.27 11.39 12.49
N PRO B 12 -7.56 12.33 11.84
CA PRO B 12 -8.26 13.47 11.24
C PRO B 12 -8.83 13.12 9.84
N GLY B 13 -8.66 11.87 9.41
CA GLY B 13 -9.06 11.43 8.08
C GLY B 13 -7.83 11.10 7.24
N PRO B 14 -7.82 9.99 6.43
CA PRO B 14 -8.89 8.98 6.20
C PRO B 14 -9.32 8.38 7.52
N LEU B 15 -10.61 8.17 7.67
CA LEU B 15 -11.22 7.80 8.95
C LEU B 15 -12.17 6.61 8.81
N SER B 16 -12.95 6.29 9.85
CA SER B 16 -13.89 5.17 9.76
C SER B 16 -15.13 5.70 9.07
N THR B 17 -15.38 5.26 7.84
CA THR B 17 -16.52 5.71 7.06
C THR B 17 -17.66 4.77 7.35
N SER B 18 -18.89 5.15 6.98
CA SER B 18 -20.01 4.26 7.22
C SER B 18 -20.02 3.11 6.19
N GLU B 19 -20.78 2.04 6.48
CA GLU B 19 -20.92 0.93 5.55
C GLU B 19 -21.48 1.42 4.21
N ALA B 20 -22.49 2.31 4.23
CA ALA B 20 -23.11 2.81 2.98
C ALA B 20 -22.14 3.67 2.16
N VAL B 21 -21.22 4.41 2.81
CA VAL B 21 -20.26 5.22 2.08
C VAL B 21 -19.31 4.30 1.28
N ARG B 22 -18.85 3.21 1.92
CA ARG B 22 -17.98 2.21 1.30
C ARG B 22 -18.72 1.37 0.27
N GLU B 23 -19.96 1.01 0.57
CA GLU B 23 -20.79 0.23 -0.36
C GLU B 23 -21.09 0.98 -1.65
N ALA B 24 -21.13 2.33 -1.59
CA ALA B 24 -21.36 3.16 -2.78
C ALA B 24 -20.22 3.02 -3.81
N MET B 25 -19.05 2.53 -3.36
CA MET B 25 -17.88 2.30 -4.22
C MET B 25 -17.99 0.99 -5.05
N LEU B 26 -19.04 0.19 -4.86
CA LEU B 26 -19.13 -1.09 -5.55
C LEU B 26 -19.66 -1.02 -6.99
N LYS B 27 -19.77 0.17 -7.56
CA LYS B 27 -20.23 0.31 -8.95
C LYS B 27 -19.14 1.01 -9.78
N ASP B 28 -18.91 0.56 -11.01
CA ASP B 28 -17.98 1.18 -11.98
C ASP B 28 -18.69 2.30 -12.73
N TRP B 29 -17.95 3.31 -13.16
CA TRP B 29 -18.55 4.43 -13.90
C TRP B 29 -17.72 4.78 -15.12
N CYS B 30 -18.41 5.22 -16.17
CA CYS B 30 -17.71 5.73 -17.33
C CYS B 30 -17.50 7.22 -17.13
N THR B 31 -16.26 7.71 -17.27
CA THR B 31 -15.96 9.13 -17.04
C THR B 31 -16.54 10.07 -18.09
N TRP B 32 -16.99 9.54 -19.25
CA TRP B 32 -17.59 10.29 -20.35
C TRP B 32 -19.09 10.05 -20.40
N ASP B 33 -19.65 9.51 -19.32
CA ASP B 33 -21.07 9.18 -19.26
C ASP B 33 -21.82 10.21 -18.46
N ASP B 34 -22.97 10.67 -18.99
CA ASP B 34 -23.86 11.63 -18.34
C ASP B 34 -24.34 11.18 -16.97
N GLU B 35 -24.52 9.86 -16.73
CA GLU B 35 -24.95 9.29 -15.43
C GLU B 35 -23.93 9.60 -14.36
N TYR B 36 -22.68 9.68 -14.75
CA TYR B 36 -21.68 10.03 -13.77
C TYR B 36 -21.54 11.56 -13.66
N ASN B 37 -21.32 12.22 -14.80
CA ASN B 37 -21.07 13.65 -14.81
C ASN B 37 -22.26 14.49 -14.36
N LYS B 38 -23.42 14.28 -14.93
CA LYS B 38 -24.59 15.07 -14.55
C LYS B 38 -25.28 14.61 -13.26
N ASP B 39 -25.46 13.31 -13.06
CA ASP B 39 -26.22 12.78 -11.93
C ASP B 39 -25.39 12.52 -10.69
N ILE B 40 -24.06 12.49 -10.80
CA ILE B 40 -23.24 12.33 -9.60
C ILE B 40 -22.44 13.61 -9.41
N VAL B 41 -21.54 13.93 -10.33
CA VAL B 41 -20.65 15.07 -10.21
C VAL B 41 -21.38 16.38 -10.01
N GLU B 42 -22.29 16.73 -10.93
CA GLU B 42 -23.02 18.00 -10.86
C GLU B 42 -23.87 18.13 -9.62
N VAL B 43 -24.37 16.98 -9.10
CA VAL B 43 -25.16 16.96 -7.85
C VAL B 43 -24.21 17.31 -6.69
N ILE B 44 -23.01 16.68 -6.65
CA ILE B 44 -22.02 16.97 -5.60
C ILE B 44 -21.70 18.47 -5.61
N ARG B 45 -21.38 19.00 -6.80
CA ARG B 45 -21.02 20.39 -6.99
C ARG B 45 -22.10 21.36 -6.47
N THR B 46 -23.36 21.09 -6.82
CA THR B 46 -24.49 21.88 -6.38
C THR B 46 -24.62 21.86 -4.84
N LYS B 47 -24.54 20.64 -4.25
CA LYS B 47 -24.67 20.47 -2.81
C LYS B 47 -23.52 21.15 -2.05
N LEU B 48 -22.27 21.04 -2.56
CA LEU B 48 -21.10 21.64 -1.92
C LEU B 48 -21.22 23.14 -1.79
N VAL B 49 -21.67 23.84 -2.86
CA VAL B 49 -21.84 25.29 -2.81
C VAL B 49 -22.88 25.67 -1.74
N LYS B 50 -24.02 24.97 -1.69
CA LYS B 50 -25.06 25.21 -0.71
C LYS B 50 -24.57 24.93 0.73
N LEU B 51 -23.68 23.95 0.91
CA LEU B 51 -23.14 23.67 2.24
C LEU B 51 -22.21 24.78 2.70
N ALA B 52 -21.46 25.38 1.75
CA ALA B 52 -20.48 26.44 2.04
C ALA B 52 -21.09 27.81 2.27
N THR B 53 -22.18 28.14 1.57
CA THR B 53 -22.80 29.44 1.68
C THR B 53 -24.26 29.38 1.30
N LYS B 54 -25.08 30.25 1.91
CA LYS B 54 -26.50 30.39 1.56
C LYS B 54 -26.65 31.51 0.50
N HIS B 55 -25.52 32.17 0.15
CA HIS B 55 -25.50 33.30 -0.78
C HIS B 55 -25.17 32.88 -2.21
N SER B 56 -25.42 33.77 -3.15
CA SER B 56 -25.13 33.50 -4.56
C SER B 56 -23.70 33.98 -4.88
N GLY B 57 -23.24 33.71 -6.08
CA GLY B 57 -21.92 34.14 -6.53
C GLY B 57 -20.79 33.15 -6.32
N TYR B 58 -21.10 31.98 -5.72
CA TYR B 58 -20.10 30.94 -5.47
C TYR B 58 -20.27 29.74 -6.37
N THR B 59 -19.19 28.99 -6.54
CA THR B 59 -19.10 27.84 -7.42
C THR B 59 -18.08 26.87 -6.85
N SER B 60 -18.13 25.62 -7.30
CA SER B 60 -17.19 24.59 -6.83
C SER B 60 -16.40 23.99 -7.97
N VAL B 61 -15.24 23.46 -7.63
CA VAL B 61 -14.34 22.74 -8.51
C VAL B 61 -13.80 21.57 -7.75
N LEU B 62 -13.89 20.37 -8.32
CA LEU B 62 -13.33 19.15 -7.71
C LEU B 62 -11.98 18.87 -8.36
N MET B 63 -11.01 18.41 -7.55
CA MET B 63 -9.65 18.20 -8.01
C MET B 63 -9.11 16.87 -7.48
N GLN B 64 -8.66 15.99 -8.39
CA GLN B 64 -8.07 14.66 -8.08
C GLN B 64 -6.83 14.85 -7.21
N GLY B 65 -6.59 13.88 -6.34
CA GLY B 65 -5.38 13.87 -5.53
C GLY B 65 -5.63 14.11 -4.08
N SER B 66 -4.53 14.27 -3.35
CA SER B 66 -4.61 14.57 -1.92
C SER B 66 -5.21 15.98 -1.75
N GLY B 67 -5.62 16.35 -0.53
CA GLY B 67 -6.10 17.71 -0.31
C GLY B 67 -5.03 18.74 -0.63
N THR B 68 -3.74 18.37 -0.37
CA THR B 68 -2.62 19.23 -0.69
C THR B 68 -2.62 19.65 -2.16
N ALA B 69 -3.05 18.73 -3.05
CA ALA B 69 -3.13 19.03 -4.50
C ALA B 69 -4.16 20.13 -4.77
N SER B 70 -5.28 20.17 -4.01
CA SER B 70 -6.31 21.26 -4.11
C SER B 70 -5.79 22.60 -3.51
N VAL B 71 -5.03 22.52 -2.40
CA VAL B 71 -4.41 23.72 -1.80
C VAL B 71 -3.42 24.27 -2.84
N GLU B 72 -2.57 23.39 -3.38
CA GLU B 72 -1.61 23.77 -4.40
C GLU B 72 -2.27 24.28 -5.69
N ALA B 73 -3.35 23.64 -6.15
CA ALA B 73 -4.11 24.11 -7.32
C ALA B 73 -4.58 25.51 -7.07
N THR B 74 -5.02 25.82 -5.83
CA THR B 74 -5.53 27.14 -5.50
C THR B 74 -4.42 28.18 -5.50
N ILE B 75 -3.36 27.93 -4.75
CA ILE B 75 -2.24 28.87 -4.69
C ILE B 75 -1.66 29.12 -6.08
N GLY B 76 -1.36 28.06 -6.81
CA GLY B 76 -0.73 28.14 -8.13
C GLY B 76 -1.62 28.67 -9.23
N SER B 77 -2.95 28.61 -9.05
CA SER B 77 -3.89 29.15 -10.04
C SER B 77 -4.37 30.58 -9.72
N ALA B 78 -4.63 30.89 -8.45
CA ALA B 78 -5.14 32.22 -8.05
C ALA B 78 -4.09 33.34 -8.02
N ILE B 79 -2.86 33.01 -7.63
CA ILE B 79 -1.83 34.03 -7.51
C ILE B 79 -1.15 34.29 -8.84
N GLY B 80 -1.21 35.53 -9.33
CA GLY B 80 -0.55 35.94 -10.57
C GLY B 80 0.98 35.96 -10.43
N LYS B 81 1.68 36.22 -11.54
CA LYS B 81 3.15 36.29 -11.57
C LYS B 81 3.72 37.39 -10.64
N GLU B 82 2.98 38.50 -10.48
CA GLU B 82 3.38 39.61 -9.61
C GLU B 82 2.77 39.51 -8.19
N GLY B 83 2.01 38.45 -7.94
CA GLY B 83 1.35 38.21 -6.67
C GLY B 83 2.27 37.89 -5.52
N LYS B 84 1.76 38.06 -4.29
CA LYS B 84 2.51 37.77 -3.05
C LYS B 84 1.53 37.28 -2.00
N LEU B 85 1.89 36.18 -1.36
CA LEU B 85 1.08 35.56 -0.33
C LEU B 85 1.51 35.90 1.12
N LEU B 86 0.51 36.15 1.96
CA LEU B 86 0.65 36.31 3.40
C LEU B 86 0.03 35.03 3.99
N VAL B 87 0.80 34.27 4.74
CA VAL B 87 0.30 33.03 5.32
C VAL B 87 0.43 33.03 6.85
N VAL B 88 -0.55 32.47 7.53
CA VAL B 88 -0.44 32.25 8.97
C VAL B 88 0.14 30.83 9.07
N ASP B 89 1.34 30.72 9.66
CA ASP B 89 2.00 29.44 9.82
C ASP B 89 2.02 29.14 11.30
N ASN B 90 0.99 28.43 11.76
CA ASN B 90 0.89 28.04 13.17
C ASN B 90 0.68 26.53 13.27
N GLY B 91 1.39 25.82 12.39
CA GLY B 91 1.36 24.37 12.32
C GLY B 91 1.79 23.89 10.96
N ALA B 92 1.85 22.58 10.78
CA ALA B 92 2.34 21.95 9.56
C ALA B 92 1.60 22.31 8.28
N TYR B 93 0.28 22.57 8.36
CA TYR B 93 -0.50 22.88 7.15
C TYR B 93 -0.34 24.34 6.71
N GLY B 94 -0.05 25.24 7.67
CA GLY B 94 0.29 26.62 7.34
C GLY B 94 1.69 26.64 6.73
N ALA B 95 2.62 25.86 7.34
CA ALA B 95 4.01 25.71 6.83
C ALA B 95 3.97 25.08 5.42
N ARG B 96 3.04 24.13 5.18
CA ARG B 96 2.93 23.48 3.87
C ARG B 96 2.49 24.49 2.80
N ILE B 97 1.58 25.43 3.15
CA ILE B 97 1.13 26.51 2.27
C ILE B 97 2.34 27.36 1.88
N ALA B 98 3.24 27.66 2.86
CA ALA B 98 4.46 28.43 2.61
C ALA B 98 5.40 27.61 1.74
N GLN B 99 5.45 26.29 1.97
CA GLN B 99 6.29 25.42 1.16
C GLN B 99 5.80 25.38 -0.29
N ILE B 100 4.47 25.34 -0.52
CA ILE B 100 3.89 25.37 -1.89
C ILE B 100 4.33 26.68 -2.60
N ALA B 101 4.15 27.85 -1.94
CA ALA B 101 4.54 29.16 -2.48
C ALA B 101 6.03 29.14 -2.86
N ASP B 102 6.89 28.58 -2.01
CA ASP B 102 8.32 28.45 -2.27
C ASP B 102 8.56 27.60 -3.55
N TYR B 103 7.90 26.45 -3.69
CA TYR B 103 8.02 25.60 -4.90
C TYR B 103 7.59 26.33 -6.17
N LEU B 104 6.55 27.16 -6.07
CA LEU B 104 5.97 27.88 -7.20
C LEU B 104 6.58 29.25 -7.43
N ASN B 105 7.66 29.59 -6.68
CA ASN B 105 8.36 30.86 -6.76
C ASN B 105 7.38 32.02 -6.54
N ILE B 106 6.54 31.88 -5.50
CA ILE B 106 5.58 32.92 -5.15
C ILE B 106 6.16 33.54 -3.90
N PRO B 107 6.45 34.89 -3.89
CA PRO B 107 6.94 35.53 -2.66
C PRO B 107 5.95 35.24 -1.53
N CYS B 108 6.47 34.99 -0.35
CA CYS B 108 5.64 34.57 0.76
C CYS B 108 6.10 35.18 2.06
N HIS B 109 5.17 35.79 2.81
CA HIS B 109 5.42 36.34 4.14
C HIS B 109 4.64 35.49 5.11
N ALA B 110 5.34 34.86 6.06
CA ALA B 110 4.67 34.02 7.04
C ALA B 110 4.57 34.73 8.38
N VAL B 111 3.37 34.71 9.01
CA VAL B 111 3.20 35.22 10.38
C VAL B 111 3.18 33.95 11.23
N SER B 112 4.20 33.80 12.08
CA SER B 112 4.42 32.57 12.83
C SER B 112 4.29 32.72 14.35
N PRO B 113 3.08 32.53 14.90
CA PRO B 113 2.91 32.69 16.36
C PRO B 113 3.41 31.53 17.23
N GLY B 114 3.89 30.47 16.59
CA GLY B 114 4.29 29.24 17.24
C GLY B 114 3.15 28.27 17.03
N GLU B 115 3.38 26.98 17.31
CA GLU B 115 2.36 25.95 17.04
C GLU B 115 1.26 25.80 18.11
N THR B 116 1.44 26.40 19.31
CA THR B 116 0.53 26.31 20.45
C THR B 116 -0.23 27.65 20.62
N SER B 117 0.01 28.60 19.70
CA SER B 117 -0.65 29.91 19.74
C SER B 117 -1.39 30.30 18.48
N GLN B 118 -2.49 31.03 18.66
CA GLN B 118 -3.30 31.57 17.60
C GLN B 118 -2.55 32.78 17.09
N PRO B 119 -2.68 33.15 15.80
CA PRO B 119 -2.02 34.39 15.34
C PRO B 119 -2.63 35.62 16.01
N HIS B 120 -1.79 36.59 16.32
CA HIS B 120 -2.20 37.87 16.88
C HIS B 120 -2.69 38.71 15.72
N LEU B 121 -3.98 39.13 15.73
CA LEU B 121 -4.55 39.97 14.67
C LEU B 121 -3.71 41.21 14.38
N ASN B 122 -3.17 41.83 15.45
CA ASN B 122 -2.29 43.00 15.38
C ASN B 122 -1.11 42.72 14.42
N GLU B 123 -0.47 41.52 14.54
CA GLU B 123 0.65 41.09 13.71
C GLU B 123 0.23 41.01 12.22
N VAL B 124 -0.96 40.42 11.94
CA VAL B 124 -1.54 40.28 10.59
C VAL B 124 -1.80 41.68 10.01
N GLU B 125 -2.40 42.56 10.84
CA GLU B 125 -2.75 43.94 10.53
C GLU B 125 -1.52 44.75 10.15
N THR B 126 -0.41 44.57 10.91
CA THR B 126 0.88 45.22 10.67
C THR B 126 1.46 44.75 9.33
N ALA B 127 1.50 43.42 9.08
CA ALA B 127 1.98 42.85 7.81
C ALA B 127 1.17 43.43 6.63
N LEU B 128 -0.17 43.48 6.73
CA LEU B 128 -1.06 44.02 5.71
C LEU B 128 -0.84 45.52 5.48
N ALA B 129 -0.54 46.29 6.54
CA ALA B 129 -0.30 47.72 6.44
C ALA B 129 1.11 48.09 5.94
N SER B 130 2.12 47.28 6.29
CA SER B 130 3.51 47.54 5.93
C SER B 130 3.99 46.83 4.65
N ASP B 131 3.23 45.84 4.14
CA ASP B 131 3.63 45.13 2.92
C ASP B 131 2.57 45.25 1.82
N PRO B 132 2.64 46.36 1.03
CA PRO B 132 1.63 46.55 -0.04
C PRO B 132 1.68 45.52 -1.16
N ALA B 133 2.85 44.86 -1.36
CA ALA B 133 3.05 43.82 -2.38
C ALA B 133 2.13 42.58 -2.19
N ILE B 134 1.63 42.35 -0.94
CA ILE B 134 0.70 41.25 -0.61
C ILE B 134 -0.58 41.37 -1.45
N THR B 135 -1.01 40.26 -2.06
CA THR B 135 -2.22 40.24 -2.89
C THR B 135 -3.18 39.18 -2.35
N HIS B 136 -2.63 38.16 -1.68
CA HIS B 136 -3.39 37.03 -1.18
C HIS B 136 -3.04 36.72 0.24
N VAL B 137 -4.03 36.25 0.99
CA VAL B 137 -3.83 35.81 2.36
C VAL B 137 -4.35 34.39 2.49
N ALA B 138 -3.62 33.54 3.21
CA ALA B 138 -4.02 32.17 3.42
C ALA B 138 -4.02 31.86 4.90
N ILE B 139 -5.06 31.15 5.35
CA ILE B 139 -5.12 30.70 6.75
C ILE B 139 -5.71 29.32 6.81
N VAL B 140 -5.28 28.55 7.81
CA VAL B 140 -5.81 27.19 8.07
C VAL B 140 -6.90 27.38 9.13
N HIS B 141 -8.11 26.86 8.84
CA HIS B 141 -9.26 26.99 9.76
C HIS B 141 -9.00 26.16 11.03
N CYS B 142 -8.90 24.84 10.89
CA CYS B 142 -8.55 23.96 12.00
C CYS B 142 -7.15 23.47 11.70
N GLU B 143 -6.20 23.87 12.56
CA GLU B 143 -4.82 23.46 12.40
C GLU B 143 -4.67 22.08 13.04
N THR B 144 -4.86 21.07 12.21
CA THR B 144 -4.83 19.63 12.51
C THR B 144 -3.58 19.18 13.24
N THR B 145 -2.44 19.87 13.05
CA THR B 145 -1.16 19.60 13.74
C THR B 145 -1.43 19.49 15.24
N THR B 146 -2.25 20.43 15.78
CA THR B 146 -2.59 20.50 17.21
C THR B 146 -4.06 20.35 17.53
N GLY B 147 -4.91 20.58 16.53
CA GLY B 147 -6.36 20.60 16.71
C GLY B 147 -6.80 22.03 17.07
N MET B 148 -5.91 23.02 16.84
CA MET B 148 -6.24 24.40 17.14
C MET B 148 -7.23 24.96 16.17
N LEU B 149 -8.20 25.71 16.68
CA LEU B 149 -9.21 26.38 15.87
C LEU B 149 -8.70 27.82 15.67
N ASN B 150 -8.33 28.20 14.44
CA ASN B 150 -7.80 29.55 14.17
C ASN B 150 -8.89 30.63 14.06
N PRO B 151 -8.60 31.91 14.36
CA PRO B 151 -9.67 32.93 14.31
C PRO B 151 -9.78 33.49 12.89
N ILE B 152 -10.43 32.70 12.07
CA ILE B 152 -10.57 32.95 10.63
C ILE B 152 -11.47 34.15 10.34
N GLU B 153 -12.52 34.41 11.13
CA GLU B 153 -13.41 35.56 10.88
C GLU B 153 -12.67 36.90 10.93
N ALA B 154 -11.93 37.17 12.03
CA ALA B 154 -11.21 38.43 12.18
C ALA B 154 -10.10 38.55 11.14
N PHE B 155 -9.38 37.46 10.94
CA PHE B 155 -8.31 37.37 9.95
C PHE B 155 -8.80 37.70 8.52
N ALA B 156 -9.92 37.08 8.09
CA ALA B 156 -10.48 37.32 6.76
C ALA B 156 -11.04 38.74 6.65
N SER B 157 -11.60 39.27 7.75
CA SER B 157 -12.14 40.63 7.78
C SER B 157 -11.02 41.66 7.56
N ALA B 158 -9.84 41.45 8.22
CA ALA B 158 -8.66 42.33 8.08
C ALA B 158 -8.16 42.30 6.64
N ALA B 159 -8.06 41.10 6.08
CA ALA B 159 -7.63 40.83 4.72
C ALA B 159 -8.50 41.56 3.67
N LYS B 160 -9.84 41.47 3.83
CA LYS B 160 -10.82 42.08 2.91
C LYS B 160 -10.83 43.59 3.01
N ALA B 161 -10.66 44.13 4.24
CA ALA B 161 -10.57 45.58 4.46
C ALA B 161 -9.30 46.13 3.77
N HIS B 162 -8.29 45.26 3.56
CA HIS B 162 -7.05 45.61 2.86
C HIS B 162 -7.06 45.22 1.37
N GLY B 163 -8.23 44.82 0.88
CA GLY B 163 -8.43 44.47 -0.53
C GLY B 163 -7.69 43.24 -1.01
N LYS B 164 -7.38 42.28 -0.11
CA LYS B 164 -6.68 41.04 -0.49
C LYS B 164 -7.65 39.91 -0.77
N VAL B 165 -7.19 38.92 -1.54
CA VAL B 165 -7.93 37.69 -1.86
C VAL B 165 -7.68 36.71 -0.70
N VAL B 166 -8.77 36.15 -0.15
CA VAL B 166 -8.71 35.23 0.99
C VAL B 166 -8.82 33.80 0.58
N ILE B 167 -7.84 33.01 0.98
CA ILE B 167 -7.77 31.57 0.75
C ILE B 167 -7.88 30.93 2.14
N LEU B 168 -8.83 30.03 2.29
CA LEU B 168 -8.99 29.32 3.54
C LEU B 168 -8.73 27.82 3.36
N ASP B 169 -7.75 27.28 4.11
CA ASP B 169 -7.56 25.83 4.14
C ASP B 169 -8.55 25.30 5.20
N ALA B 170 -9.73 24.87 4.73
CA ALA B 170 -10.76 24.32 5.62
C ALA B 170 -10.80 22.80 5.48
N MET B 171 -9.64 22.21 5.26
CA MET B 171 -9.51 20.76 5.06
C MET B 171 -10.12 19.94 6.21
N SER B 172 -9.81 20.30 7.48
CA SER B 172 -10.30 19.53 8.62
C SER B 172 -11.49 20.14 9.30
N SER B 173 -12.04 21.24 8.76
CA SER B 173 -13.16 21.93 9.37
C SER B 173 -14.45 21.91 8.55
N PHE B 174 -14.37 22.07 7.20
CA PHE B 174 -15.60 22.15 6.39
C PHE B 174 -16.42 20.87 6.49
N GLY B 175 -17.69 21.01 6.83
CA GLY B 175 -18.58 19.87 7.06
C GLY B 175 -18.77 19.57 8.53
N GLY B 176 -17.85 20.05 9.37
CA GLY B 176 -17.87 19.82 10.82
C GLY B 176 -17.97 21.07 11.67
N ILE B 177 -17.73 22.23 11.07
CA ILE B 177 -17.78 23.52 11.78
C ILE B 177 -18.59 24.46 10.90
N PRO B 178 -19.76 24.95 11.36
CA PRO B 178 -20.59 25.82 10.50
C PRO B 178 -19.85 27.06 10.06
N ILE B 179 -19.88 27.34 8.76
CA ILE B 179 -19.29 28.55 8.21
C ILE B 179 -20.07 28.94 6.98
N ASP B 180 -20.18 30.23 6.73
CA ASP B 180 -20.74 30.75 5.51
C ASP B 180 -19.57 31.53 4.92
N ILE B 181 -18.93 30.96 3.90
CA ILE B 181 -17.73 31.55 3.28
C ILE B 181 -18.00 32.92 2.61
N ALA B 182 -19.25 33.19 2.18
CA ALA B 182 -19.57 34.49 1.58
C ALA B 182 -19.59 35.52 2.70
N GLU B 183 -20.22 35.18 3.85
CA GLU B 183 -20.32 36.08 4.99
C GLU B 183 -18.96 36.35 5.60
N LEU B 184 -18.07 35.37 5.60
CA LEU B 184 -16.72 35.53 6.13
C LEU B 184 -15.78 36.24 5.15
N GLY B 185 -16.18 36.38 3.89
CA GLY B 185 -15.34 37.03 2.90
C GLY B 185 -14.23 36.11 2.41
N ILE B 186 -14.48 34.78 2.38
CA ILE B 186 -13.53 33.80 1.88
C ILE B 186 -13.68 33.74 0.34
N ASP B 187 -12.57 33.92 -0.39
CA ASP B 187 -12.60 33.85 -1.85
C ASP B 187 -12.43 32.44 -2.38
N PHE B 188 -11.59 31.64 -1.72
CA PHE B 188 -11.35 30.22 -2.08
C PHE B 188 -11.28 29.42 -0.81
N MET B 189 -12.22 28.52 -0.66
CA MET B 189 -12.23 27.63 0.51
C MET B 189 -11.89 26.24 0.01
N ILE B 190 -10.83 25.65 0.57
CA ILE B 190 -10.37 24.33 0.15
C ILE B 190 -10.77 23.31 1.20
N SER B 191 -11.29 22.17 0.77
CA SER B 191 -11.56 21.14 1.73
C SER B 191 -11.35 19.75 1.12
N SER B 192 -11.60 18.73 1.94
CA SER B 192 -11.33 17.34 1.64
C SER B 192 -12.57 16.52 1.44
N ALA B 193 -12.43 15.39 0.75
CA ALA B 193 -13.49 14.42 0.57
C ALA B 193 -13.60 13.55 1.82
N ASN B 194 -12.48 13.43 2.59
CA ASN B 194 -12.36 12.42 3.61
C ASN B 194 -12.13 12.88 5.04
N CYS B 196 -14.36 15.90 7.64
CA CYS B 196 -15.68 16.11 8.25
C CYS B 196 -16.86 15.68 7.38
N ILE B 197 -16.74 15.65 6.01
CA ILE B 197 -17.84 15.16 5.14
C ILE B 197 -17.92 13.64 5.28
N GLN B 198 -16.80 13.04 5.71
CA GLN B 198 -16.75 11.60 5.99
C GLN B 198 -16.82 10.72 4.74
N GLY B 199 -16.34 11.23 3.60
CA GLY B 199 -16.19 10.41 2.42
C GLY B 199 -14.85 9.69 2.51
N VAL B 200 -14.40 9.14 1.38
CA VAL B 200 -13.13 8.40 1.35
C VAL B 200 -12.12 9.26 0.58
N PRO B 201 -10.79 9.07 0.79
CA PRO B 201 -9.82 9.89 0.06
C PRO B 201 -9.83 9.62 -1.44
N GLY B 202 -9.35 10.58 -2.22
CA GLY B 202 -9.26 10.42 -3.67
C GLY B 202 -9.22 11.76 -4.37
N PHE B 203 -9.86 12.76 -3.77
CA PHE B 203 -9.94 14.11 -4.34
C PHE B 203 -10.22 15.14 -3.26
N GLY B 204 -9.98 16.39 -3.61
CA GLY B 204 -10.29 17.54 -2.78
C GLY B 204 -11.16 18.47 -3.59
N PHE B 205 -11.55 19.59 -3.02
CA PHE B 205 -12.38 20.54 -3.76
C PHE B 205 -12.14 21.95 -3.25
N VAL B 206 -12.55 22.90 -4.08
CA VAL B 206 -12.42 24.31 -3.82
C VAL B 206 -13.76 24.94 -4.07
N ILE B 207 -14.27 25.68 -3.07
CA ILE B 207 -15.52 26.44 -3.21
C ILE B 207 -15.09 27.89 -3.29
N ALA B 208 -15.34 28.51 -4.44
CA ALA B 208 -14.81 29.83 -4.71
C ALA B 208 -15.82 30.84 -5.20
N LYS B 209 -15.54 32.14 -4.96
CA LYS B 209 -16.34 33.24 -5.49
C LYS B 209 -16.07 33.24 -6.99
N LYS B 210 -17.14 33.05 -7.78
CA LYS B 210 -17.07 32.92 -9.23
C LYS B 210 -16.16 33.97 -9.86
N THR B 211 -16.36 35.24 -9.52
CA THR B 211 -15.55 36.34 -10.06
C THR B 211 -14.06 36.18 -9.72
N GLU B 212 -13.73 35.70 -8.51
CA GLU B 212 -12.35 35.45 -8.10
C GLU B 212 -11.78 34.22 -8.81
N LEU B 213 -12.62 33.18 -9.04
CA LEU B 213 -12.20 31.98 -9.77
C LEU B 213 -11.91 32.31 -11.26
N GLU B 214 -12.72 33.19 -11.88
CA GLU B 214 -12.53 33.62 -13.27
C GLU B 214 -11.16 34.31 -13.47
N LYS B 215 -10.62 34.95 -12.42
CA LYS B 215 -9.31 35.61 -12.50
C LYS B 215 -8.17 34.61 -12.66
N CYS B 216 -8.41 33.31 -12.29
CA CYS B 216 -7.45 32.21 -12.41
C CYS B 216 -7.13 31.80 -13.83
N GLN B 217 -7.97 32.19 -14.81
CA GLN B 217 -7.75 31.77 -16.19
C GLN B 217 -6.38 32.14 -16.75
N GLY B 218 -5.67 31.15 -17.25
CA GLY B 218 -4.38 31.31 -17.92
C GLY B 218 -3.23 31.64 -17.00
N GLN B 219 -3.44 31.50 -15.68
CA GLN B 219 -2.48 31.81 -14.62
C GLN B 219 -1.85 30.58 -14.00
N ALA B 220 -2.44 29.39 -14.23
CA ALA B 220 -1.98 28.18 -13.58
C ALA B 220 -0.53 27.82 -13.81
N ARG B 221 0.11 27.27 -12.79
CA ARG B 221 1.52 26.85 -12.85
C ARG B 221 1.60 25.32 -13.10
N SER B 222 0.43 24.66 -13.21
CA SER B 222 0.32 23.23 -13.43
C SER B 222 -0.87 22.93 -14.31
N LEU B 223 -0.76 21.92 -15.18
CA LEU B 223 -1.87 21.50 -16.02
C LEU B 223 -2.83 20.74 -15.15
N SER B 224 -2.32 19.74 -14.40
CA SER B 224 -3.16 18.91 -13.53
C SER B 224 -3.88 19.76 -12.50
N LEU B 225 -3.17 20.75 -11.96
CA LEU B 225 -3.68 21.62 -10.92
C LEU B 225 -4.18 22.99 -11.43
N ASP B 226 -4.60 23.04 -12.70
CA ASP B 226 -5.12 24.26 -13.29
C ASP B 226 -6.58 24.35 -12.85
N LEU B 227 -6.83 25.19 -11.83
CA LEU B 227 -8.13 25.36 -11.21
C LEU B 227 -9.17 25.91 -12.15
N TYR B 228 -8.85 27.00 -12.90
CA TYR B 228 -9.83 27.56 -13.82
C TYR B 228 -10.16 26.55 -14.92
N ASP B 229 -9.13 25.94 -15.54
CA ASP B 229 -9.33 24.97 -16.62
C ASP B 229 -10.22 23.81 -16.16
N GLN B 230 -9.95 23.29 -14.96
CA GLN B 230 -10.72 22.20 -14.35
C GLN B 230 -12.17 22.63 -14.16
N TRP B 231 -12.38 23.82 -13.59
CA TRP B 231 -13.71 24.35 -13.37
C TRP B 231 -14.44 24.59 -14.69
N HIS B 232 -13.74 25.19 -15.68
CA HIS B 232 -14.32 25.52 -16.98
C HIS B 232 -14.85 24.29 -17.69
N CYS B 233 -14.12 23.20 -17.62
CA CYS B 233 -14.53 21.95 -18.23
C CYS B 233 -15.79 21.40 -17.51
N MET B 234 -15.85 21.45 -16.16
CA MET B 234 -17.04 20.99 -15.42
C MET B 234 -18.22 21.83 -15.76
N GLU B 235 -18.01 23.14 -15.95
CA GLU B 235 -19.05 24.09 -16.32
C GLU B 235 -19.59 23.77 -17.71
N VAL B 236 -18.73 23.87 -18.74
CA VAL B 236 -19.12 23.68 -20.15
C VAL B 236 -19.56 22.26 -20.41
N ASN B 237 -18.89 21.28 -19.80
CA ASN B 237 -19.16 19.87 -20.05
C ASN B 237 -19.89 19.17 -18.93
N HIS B 238 -20.64 19.96 -18.14
CA HIS B 238 -21.58 19.47 -17.12
C HIS B 238 -21.07 18.35 -16.26
N GLY B 239 -20.04 18.65 -15.48
CA GLY B 239 -19.51 17.72 -14.52
C GLY B 239 -18.24 17.05 -14.95
N LYS B 240 -17.98 17.01 -16.24
CA LYS B 240 -16.82 16.35 -16.84
C LYS B 240 -15.51 16.79 -16.22
N TRP B 241 -14.71 15.83 -15.76
CA TRP B 241 -13.36 16.11 -15.24
C TRP B 241 -12.42 16.05 -16.42
N ARG B 242 -11.55 17.04 -16.60
CA ARG B 242 -10.61 17.03 -17.73
C ARG B 242 -9.91 15.70 -17.87
N PHE B 243 -9.35 15.20 -16.74
CA PHE B 243 -8.62 13.93 -16.73
C PHE B 243 -9.35 12.97 -15.84
N THR B 244 -9.00 11.68 -15.85
CA THR B 244 -9.70 10.66 -15.08
C THR B 244 -9.86 11.04 -13.63
N SER B 245 -11.06 10.82 -13.11
CA SER B 245 -11.40 11.10 -11.71
C SER B 245 -11.50 9.78 -10.95
N PRO B 246 -11.34 9.82 -9.62
CA PRO B 246 -11.47 8.60 -8.83
C PRO B 246 -12.97 8.30 -8.63
N THR B 247 -13.63 7.85 -9.70
CA THR B 247 -15.07 7.65 -9.81
C THR B 247 -15.72 7.04 -8.56
N HIS B 248 -15.19 5.91 -8.06
CA HIS B 248 -15.73 5.19 -6.91
C HIS B 248 -15.71 6.07 -5.67
N THR B 249 -14.61 6.82 -5.47
CA THR B 249 -14.50 7.70 -4.31
C THR B 249 -15.45 8.91 -4.48
N VAL B 250 -15.71 9.34 -5.72
CA VAL B 250 -16.62 10.47 -6.01
C VAL B 250 -18.04 9.99 -5.68
N ARG B 251 -18.37 8.74 -6.04
CA ARG B 251 -19.67 8.17 -5.74
C ARG B 251 -19.85 7.94 -4.22
N ALA B 252 -18.76 7.61 -3.52
CA ALA B 252 -18.77 7.43 -2.07
C ALA B 252 -19.03 8.79 -1.41
N PHE B 253 -18.43 9.87 -1.99
CA PHE B 253 -18.62 11.24 -1.50
C PHE B 253 -20.06 11.70 -1.67
N TYR B 254 -20.71 11.33 -2.80
CA TYR B 254 -22.13 11.63 -3.06
C TYR B 254 -22.95 11.02 -1.91
N GLN B 255 -22.58 9.80 -1.47
CA GLN B 255 -23.23 9.10 -0.37
C GLN B 255 -22.97 9.79 0.97
N ALA B 256 -21.71 10.25 1.19
CA ALA B 256 -21.32 10.99 2.39
C ALA B 256 -22.20 12.25 2.51
N LEU B 257 -22.50 12.92 1.36
CA LEU B 257 -23.35 14.13 1.35
C LEU B 257 -24.78 13.81 1.76
N LEU B 258 -25.31 12.65 1.31
CA LEU B 258 -26.66 12.19 1.67
C LEU B 258 -26.71 11.93 3.17
N GLU B 259 -25.66 11.34 3.73
CA GLU B 259 -25.60 11.04 5.17
C GLU B 259 -25.46 12.27 6.03
N LEU B 260 -24.77 13.32 5.52
CA LEU B 260 -24.61 14.58 6.24
C LEU B 260 -26.00 15.25 6.37
N GLU B 261 -26.79 15.27 5.25
CA GLU B 261 -28.17 15.80 5.27
C GLU B 261 -29.03 15.02 6.24
N GLN B 262 -28.92 13.68 6.17
CA GLN B 262 -29.66 12.71 6.97
C GLN B 262 -29.37 12.97 8.45
N GLU B 263 -28.12 13.38 8.80
CA GLU B 263 -27.75 13.66 10.18
C GLU B 263 -28.37 15.01 10.67
N GLY B 264 -28.72 15.89 9.73
CA GLY B 264 -29.27 17.22 10.01
C GLY B 264 -28.35 18.34 9.60
N GLY B 265 -27.40 18.05 8.71
CA GLY B 265 -26.48 19.05 8.20
C GLY B 265 -25.29 19.31 9.09
N ILE B 266 -24.50 20.31 8.72
CA ILE B 266 -23.25 20.69 9.40
C ILE B 266 -23.50 21.08 10.86
N GLU B 267 -24.65 21.75 11.16
CA GLU B 267 -25.02 22.16 12.51
C GLU B 267 -25.11 20.92 13.44
N ALA B 268 -25.81 19.87 12.98
CA ALA B 268 -25.93 18.63 13.73
C ALA B 268 -24.59 17.88 13.81
N ARG B 269 -23.81 17.87 12.71
CA ARG B 269 -22.51 17.20 12.71
C ARG B 269 -21.57 17.91 13.71
N HIS B 270 -21.58 19.26 13.68
CA HIS B 270 -20.81 20.10 14.59
C HIS B 270 -21.16 19.77 16.04
N ASN B 271 -22.46 19.60 16.37
CA ASN B 271 -22.86 19.28 17.75
C ASN B 271 -22.33 17.94 18.21
N ARG B 272 -22.40 16.91 17.31
CA ARG B 272 -21.88 15.58 17.64
C ARG B 272 -20.36 15.68 17.89
N TYR B 273 -19.63 16.33 16.98
CA TYR B 273 -18.17 16.47 17.06
C TYR B 273 -17.77 17.20 18.32
N GLN B 274 -18.41 18.37 18.56
CA GLN B 274 -18.19 19.21 19.73
C GLN B 274 -18.41 18.43 21.04
N THR B 275 -19.48 17.62 21.11
CA THR B 275 -19.81 16.78 22.26
C THR B 275 -18.75 15.69 22.45
N ASN B 276 -18.38 15.00 21.35
CA ASN B 276 -17.35 13.97 21.37
C ASN B 276 -16.05 14.55 21.91
N GLN B 277 -15.62 15.70 21.36
CA GLN B 277 -14.38 16.36 21.75
C GLN B 277 -14.34 16.81 23.20
N LYS B 278 -15.46 17.39 23.72
CA LYS B 278 -15.50 17.87 25.11
C LYS B 278 -15.54 16.71 26.10
N THR B 279 -16.31 15.66 25.75
CA THR B 279 -16.40 14.42 26.55
C THR B 279 -15.00 13.78 26.58
N LEU B 280 -14.30 13.75 25.44
CA LEU B 280 -12.96 13.19 25.32
C LEU B 280 -12.00 13.95 26.22
N VAL B 281 -11.96 15.29 26.10
CA VAL B 281 -11.07 16.14 26.91
C VAL B 281 -11.30 15.90 28.42
N ALA B 282 -12.56 15.88 28.86
CA ALA B 282 -12.91 15.67 30.27
C ALA B 282 -12.46 14.27 30.71
N GLY B 283 -12.64 13.27 29.85
CA GLY B 283 -12.22 11.90 30.14
C GLY B 283 -10.72 11.76 30.26
N MET B 284 -9.99 12.39 29.34
CA MET B 284 -8.54 12.36 29.32
C MET B 284 -7.96 13.04 30.54
N ARG B 285 -8.54 14.20 30.93
CA ARG B 285 -8.10 14.95 32.11
C ARG B 285 -8.30 14.14 33.35
N SER B 286 -9.40 13.35 33.45
CA SER B 286 -9.70 12.53 34.63
C SER B 286 -8.67 11.44 34.81
N LEU B 287 -8.00 11.05 33.71
CA LEU B 287 -6.95 10.04 33.66
C LEU B 287 -5.54 10.66 33.79
N GLY B 288 -5.47 11.98 33.94
CA GLY B 288 -4.22 12.71 34.13
C GLY B 288 -3.55 13.22 32.88
N PHE B 289 -4.21 13.10 31.74
CA PHE B 289 -3.64 13.61 30.49
C PHE B 289 -3.85 15.11 30.39
N GLU B 290 -2.87 15.80 29.81
CA GLU B 290 -2.94 17.23 29.65
C GLU B 290 -3.06 17.64 28.18
N PRO B 291 -4.12 18.40 27.78
CA PRO B 291 -4.20 18.86 26.39
C PRO B 291 -3.04 19.83 26.09
N LEU B 292 -2.57 19.81 24.84
CA LEU B 292 -1.48 20.69 24.40
C LEU B 292 -1.92 22.15 24.49
N LEU B 293 -3.16 22.41 24.07
CA LEU B 293 -3.75 23.73 23.97
C LEU B 293 -4.75 24.01 25.07
N SER B 294 -4.93 25.31 25.39
CA SER B 294 -5.98 25.72 26.34
C SER B 294 -7.32 25.51 25.63
N ASP B 295 -8.33 25.06 26.37
CA ASP B 295 -9.67 24.71 25.88
C ASP B 295 -10.32 25.72 24.95
N ASP B 296 -10.06 27.03 25.15
CA ASP B 296 -10.62 28.09 24.31
C ASP B 296 -10.12 28.02 22.87
N LEU B 297 -8.96 27.37 22.65
CA LEU B 297 -8.33 27.22 21.33
C LEU B 297 -8.68 25.92 20.62
N HIS B 298 -9.33 24.98 21.34
CA HIS B 298 -9.68 23.66 20.83
C HIS B 298 -10.67 23.69 19.71
N SER B 299 -10.41 22.85 18.72
CA SER B 299 -11.40 22.65 17.67
C SER B 299 -12.23 21.45 18.15
N PRO B 300 -13.42 21.22 17.58
CA PRO B 300 -14.19 20.01 17.93
C PRO B 300 -13.80 18.78 17.07
N ILE B 301 -12.63 18.81 16.40
CA ILE B 301 -12.20 17.83 15.39
C ILE B 301 -11.17 16.80 15.88
N ILE B 302 -10.06 17.30 16.40
CA ILE B 302 -8.94 16.49 16.85
C ILE B 302 -8.29 17.22 18.02
N THR B 303 -7.74 16.47 18.97
CA THR B 303 -7.11 17.07 20.15
C THR B 303 -5.72 16.49 20.35
N SER B 304 -4.72 17.33 20.59
CA SER B 304 -3.40 16.82 20.94
C SER B 304 -3.26 16.83 22.44
N PHE B 305 -2.59 15.82 22.99
CA PHE B 305 -2.35 15.70 24.42
C PHE B 305 -0.86 15.51 24.61
N TYR B 306 -0.31 16.04 25.67
CA TYR B 306 1.09 15.79 25.96
C TYR B 306 1.27 14.31 26.28
N SER B 307 2.38 13.74 25.86
CA SER B 307 2.70 12.37 26.22
C SER B 307 2.93 12.30 27.74
N PRO B 308 2.44 11.25 28.45
CA PRO B 308 2.79 11.11 29.87
C PRO B 308 4.32 11.13 30.03
N THR B 309 4.78 11.70 31.14
CA THR B 309 6.20 11.83 31.45
C THR B 309 6.74 10.56 32.14
N HIS B 310 5.86 9.63 32.59
CA HIS B 310 6.30 8.36 33.22
C HIS B 310 7.36 7.71 32.33
N SER B 311 8.51 7.34 32.92
CA SER B 311 9.67 6.76 32.22
C SER B 311 9.35 5.53 31.36
N ASP B 312 8.29 4.78 31.70
CA ASP B 312 7.88 3.57 30.94
C ASP B 312 6.90 3.88 29.81
N TYR B 313 6.47 5.16 29.70
CA TYR B 313 5.53 5.54 28.65
C TYR B 313 6.21 5.46 27.30
N GLN B 314 5.54 4.85 26.32
CA GLN B 314 6.04 4.75 24.96
C GLN B 314 4.84 4.82 24.05
N PHE B 315 4.83 5.75 23.08
CA PHE B 315 3.67 5.91 22.19
C PHE B 315 3.27 4.62 21.52
N LYS B 316 4.22 3.89 20.95
CA LYS B 316 3.98 2.66 20.19
C LYS B 316 3.31 1.59 21.05
N ALA B 317 3.75 1.39 22.30
CA ALA B 317 3.16 0.40 23.23
C ALA B 317 1.74 0.80 23.59
N PHE B 318 1.52 2.10 23.84
CA PHE B 318 0.23 2.68 24.17
C PHE B 318 -0.72 2.56 22.97
N TYR B 319 -0.23 2.91 21.78
CA TYR B 319 -0.94 2.82 20.50
C TYR B 319 -1.38 1.35 20.24
N THR B 320 -0.45 0.39 20.47
CA THR B 320 -0.70 -1.03 20.27
C THR B 320 -1.78 -1.54 21.22
N ARG B 321 -1.71 -1.16 22.52
CA ARG B 321 -2.71 -1.54 23.52
C ARG B 321 -4.09 -1.00 23.22
N LEU B 322 -4.17 0.20 22.61
CA LEU B 322 -5.43 0.79 22.24
C LEU B 322 -6.01 0.11 21.01
N LYS B 323 -5.15 -0.22 20.03
CA LYS B 323 -5.51 -0.91 18.79
C LYS B 323 -6.12 -2.27 19.12
N GLU B 324 -5.53 -3.00 20.11
CA GLU B 324 -6.01 -4.31 20.59
C GLU B 324 -7.44 -4.20 21.14
N GLN B 325 -7.82 -2.99 21.63
CA GLN B 325 -9.13 -2.69 22.17
C GLN B 325 -10.07 -2.05 21.13
N GLY B 326 -9.60 -1.97 19.87
CA GLY B 326 -10.38 -1.45 18.76
C GLY B 326 -10.25 0.04 18.45
N PHE B 327 -9.21 0.71 18.96
CA PHE B 327 -9.05 2.15 18.71
C PHE B 327 -7.72 2.51 18.12
N VAL B 328 -7.75 3.26 17.03
CA VAL B 328 -6.52 3.72 16.39
C VAL B 328 -6.33 5.20 16.69
N ILE B 329 -5.33 5.52 17.53
CA ILE B 329 -5.05 6.90 17.85
C ILE B 329 -3.98 7.45 16.87
N TYR B 330 -3.53 8.68 17.09
CA TYR B 330 -2.69 9.31 16.10
C TYR B 330 -1.40 9.89 16.66
N PRO B 331 -0.29 9.91 15.91
CA PRO B 331 0.94 10.49 16.45
C PRO B 331 0.84 12.02 16.60
N GLY B 332 1.69 12.59 17.47
CA GLY B 332 1.80 14.03 17.63
C GLY B 332 2.52 14.63 16.44
N LYS B 333 2.33 15.91 16.18
CA LYS B 333 2.90 16.56 15.01
C LYS B 333 3.60 17.89 15.38
N VAL B 334 3.86 18.08 16.70
CA VAL B 334 4.45 19.31 17.23
C VAL B 334 5.95 19.10 17.34
N SER B 335 6.72 20.00 16.72
CA SER B 335 8.16 19.86 16.70
C SER B 335 8.86 19.98 18.05
N ASN B 336 8.34 20.85 18.96
CA ASN B 336 8.95 21.11 20.29
C ASN B 336 8.25 20.42 21.48
N ALA B 337 7.35 19.47 21.20
CA ALA B 337 6.63 18.79 22.25
C ALA B 337 6.53 17.32 21.96
N ASP B 338 6.53 16.50 23.01
CA ASP B 338 6.31 15.06 22.94
C ASP B 338 4.79 14.89 23.19
N CYS B 339 4.02 14.58 22.14
CA CYS B 339 2.58 14.52 22.21
C CYS B 339 1.97 13.47 21.30
N PHE B 340 0.65 13.25 21.42
CA PHE B 340 -0.15 12.35 20.60
C PHE B 340 -1.48 13.03 20.32
N ARG B 341 -2.21 12.56 19.33
CA ARG B 341 -3.53 13.10 18.97
C ARG B 341 -4.60 12.07 18.97
N ILE B 342 -5.84 12.50 19.26
CA ILE B 342 -7.03 11.67 19.17
C ILE B 342 -8.07 12.49 18.40
N GLY B 343 -8.47 11.99 17.23
CA GLY B 343 -9.51 12.61 16.43
C GLY B 343 -10.85 12.12 16.94
N ASN B 344 -11.94 12.81 16.61
CA ASN B 344 -13.27 12.34 17.06
C ASN B 344 -14.31 12.50 15.96
N ILE B 345 -13.87 12.40 14.71
CA ILE B 345 -14.67 12.56 13.49
C ILE B 345 -14.83 11.22 12.81
N GLY B 346 -15.73 11.12 11.83
CA GLY B 346 -16.00 9.84 11.21
C GLY B 346 -17.09 9.16 12.01
N GLU B 347 -17.08 7.82 12.02
CA GLU B 347 -18.10 7.04 12.74
C GLU B 347 -17.81 6.97 14.24
N VAL B 348 -17.66 8.16 14.84
CA VAL B 348 -17.38 8.39 16.25
C VAL B 348 -18.58 9.08 16.86
N TYR B 349 -19.19 8.41 17.84
CA TYR B 349 -20.39 8.80 18.58
C TYR B 349 -20.09 8.85 20.07
N PRO B 350 -20.92 9.56 20.89
CA PRO B 350 -20.63 9.65 22.33
C PRO B 350 -20.32 8.32 23.04
N ALA B 351 -21.03 7.23 22.65
CA ALA B 351 -20.82 5.88 23.19
C ALA B 351 -19.39 5.38 22.92
N ASP B 352 -18.82 5.74 21.76
CA ASP B 352 -17.48 5.36 21.39
C ASP B 352 -16.46 6.09 22.23
N ILE B 353 -16.69 7.39 22.46
CA ILE B 353 -15.82 8.20 23.31
C ILE B 353 -15.79 7.61 24.73
N GLU B 354 -16.97 7.21 25.26
CA GLU B 354 -17.07 6.63 26.60
C GLU B 354 -16.29 5.30 26.68
N ARG B 355 -16.43 4.45 25.65
CA ARG B 355 -15.71 3.19 25.51
C ARG B 355 -14.18 3.45 25.35
N LEU B 356 -13.83 4.53 24.61
CA LEU B 356 -12.45 4.94 24.41
C LEU B 356 -11.81 5.32 25.72
N ILE B 357 -12.53 6.07 26.58
CA ILE B 357 -12.01 6.51 27.88
C ILE B 357 -11.67 5.27 28.76
N GLY B 358 -12.52 4.26 28.73
CA GLY B 358 -12.29 2.97 29.39
C GLY B 358 -11.07 2.28 28.82
N ALA B 359 -10.94 2.28 27.48
CA ALA B 359 -9.82 1.68 26.73
C ALA B 359 -8.49 2.39 27.05
N ILE B 360 -8.48 3.74 27.15
CA ILE B 360 -7.24 4.47 27.47
C ILE B 360 -6.78 4.06 28.84
N GLU B 361 -7.73 3.99 29.80
CA GLU B 361 -7.44 3.57 31.17
C GLU B 361 -6.77 2.18 31.19
N LYS B 362 -7.37 1.18 30.53
CA LYS B 362 -6.80 -0.17 30.44
C LYS B 362 -5.44 -0.18 29.70
N ALA B 363 -5.21 0.82 28.80
CA ALA B 363 -3.98 0.91 28.00
C ALA B 363 -2.85 1.58 28.78
N MET B 364 -3.16 2.18 29.93
CA MET B 364 -2.17 2.86 30.78
C MET B 364 -1.33 1.89 31.59
N TYR B 365 -0.57 1.03 30.89
CA TYR B 365 0.28 -0.04 31.45
C TYR B 365 1.35 0.43 32.44
N TRP B 366 1.75 1.71 32.35
CA TRP B 366 2.79 2.33 33.20
C TRP B 366 2.25 2.75 34.57
N GLN B 367 0.92 2.80 34.73
CA GLN B 367 0.25 3.19 35.97
C GLN B 367 0.07 2.01 36.93
N GLU C 6 35.72 -21.84 13.27
CA GLU C 6 36.17 -20.81 12.32
C GLU C 6 35.18 -19.62 12.19
N TYR C 7 33.88 -19.91 12.15
CA TYR C 7 32.83 -18.90 12.04
C TYR C 7 31.74 -19.21 13.03
N LEU C 8 31.08 -18.16 13.51
CA LEU C 8 29.89 -18.33 14.31
C LEU C 8 28.71 -18.19 13.30
N LEU C 9 27.84 -19.19 13.24
CA LEU C 9 26.70 -19.18 12.31
C LEU C 9 25.52 -18.48 12.94
N LEU C 10 25.26 -17.26 12.50
CA LEU C 10 24.12 -16.48 13.01
C LEU C 10 22.93 -16.71 12.08
N THR C 11 22.56 -17.96 11.97
CA THR C 11 21.50 -18.49 11.11
C THR C 11 20.35 -19.01 11.98
N PRO C 12 19.20 -19.38 11.40
CA PRO C 12 18.15 -19.99 12.22
C PRO C 12 18.38 -21.51 12.41
N GLY C 13 19.49 -22.02 11.87
CA GLY C 13 19.82 -23.45 11.89
C GLY C 13 19.78 -24.02 10.49
N PRO C 14 20.71 -24.96 10.10
CA PRO C 14 21.86 -25.50 10.84
C PRO C 14 22.70 -24.37 11.39
N LEU C 15 23.21 -24.55 12.61
CA LEU C 15 23.88 -23.45 13.33
C LEU C 15 25.20 -23.90 13.95
N SER C 16 25.82 -23.09 14.81
CA SER C 16 27.08 -23.50 15.45
C SER C 16 26.71 -24.39 16.63
N THR C 17 27.01 -25.69 16.51
CA THR C 17 26.68 -26.65 17.57
C THR C 17 27.87 -26.71 18.52
N SER C 18 27.68 -27.28 19.71
CA SER C 18 28.80 -27.38 20.63
C SER C 18 29.75 -28.51 20.20
N GLU C 19 30.96 -28.53 20.74
CA GLU C 19 31.94 -29.56 20.45
C GLU C 19 31.38 -30.94 20.84
N ALA C 20 30.73 -31.05 22.02
CA ALA C 20 30.17 -32.34 22.47
C ALA C 20 29.03 -32.83 21.56
N VAL C 21 28.23 -31.92 20.99
CA VAL C 21 27.14 -32.32 20.09
C VAL C 21 27.74 -32.98 18.83
N ARG C 22 28.78 -32.37 18.27
CA ARG C 22 29.50 -32.88 17.11
C ARG C 22 30.31 -34.13 17.42
N GLU C 23 30.96 -34.18 18.59
CA GLU C 23 31.75 -35.32 19.01
C GLU C 23 30.87 -36.55 19.21
N ALA C 24 29.60 -36.37 19.59
CA ALA C 24 28.64 -37.48 19.79
C ALA C 24 28.40 -38.24 18.46
N MET C 25 28.72 -37.62 17.32
CA MET C 25 28.59 -38.22 15.96
C MET C 25 29.74 -39.15 15.59
N LEU C 26 30.76 -39.27 16.44
CA LEU C 26 31.92 -40.10 16.11
C LEU C 26 31.75 -41.60 16.34
N LYS C 27 30.53 -42.06 16.65
CA LYS C 27 30.29 -43.49 16.86
C LYS C 27 29.27 -43.98 15.85
N ASP C 28 29.50 -45.19 15.29
CA ASP C 28 28.56 -45.83 14.35
C ASP C 28 27.54 -46.64 15.16
N TRP C 29 26.31 -46.72 14.67
CA TRP C 29 25.25 -47.47 15.36
C TRP C 29 24.57 -48.43 14.43
N CYS C 30 24.16 -49.58 14.98
CA CYS C 30 23.35 -50.47 14.19
C CYS C 30 21.87 -50.05 14.39
N THR C 31 21.12 -49.89 13.29
CA THR C 31 19.73 -49.47 13.34
C THR C 31 18.78 -50.53 13.93
N TRP C 32 19.27 -51.80 14.02
CA TRP C 32 18.51 -52.92 14.56
C TRP C 32 19.02 -53.30 15.94
N ASP C 33 19.79 -52.40 16.56
CA ASP C 33 20.37 -52.64 17.87
C ASP C 33 19.57 -51.96 18.98
N ASP C 34 19.25 -52.71 20.05
CA ASP C 34 18.50 -52.18 21.21
C ASP C 34 19.21 -51.02 21.90
N GLU C 35 20.54 -51.03 21.89
CA GLU C 35 21.20 -49.92 22.53
C GLU C 35 20.84 -48.62 21.82
N TYR C 36 20.79 -48.62 20.48
CA TYR C 36 20.39 -47.43 19.74
C TYR C 36 18.90 -47.15 19.96
N ASN C 37 18.05 -48.12 19.68
CA ASN C 37 16.60 -47.96 19.76
C ASN C 37 16.05 -47.66 21.15
N LYS C 38 16.40 -48.46 22.12
CA LYS C 38 15.89 -48.26 23.48
C LYS C 38 16.63 -47.19 24.25
N ASP C 39 17.98 -47.18 24.20
CA ASP C 39 18.78 -46.27 25.02
C ASP C 39 19.10 -44.93 24.37
N ILE C 40 18.84 -44.77 23.05
CA ILE C 40 19.06 -43.46 22.45
C ILE C 40 17.68 -42.97 22.01
N VAL C 41 17.07 -43.65 21.04
CA VAL C 41 15.82 -43.20 20.42
C VAL C 41 14.71 -43.02 21.44
N GLU C 42 14.41 -44.06 22.25
CA GLU C 42 13.32 -43.99 23.22
C GLU C 42 13.56 -42.94 24.28
N VAL C 43 14.84 -42.67 24.63
CA VAL C 43 15.20 -41.62 25.58
C VAL C 43 14.87 -40.25 24.95
N ILE C 44 15.24 -40.04 23.67
CA ILE C 44 14.93 -38.79 22.98
C ILE C 44 13.43 -38.57 23.00
N ARG C 45 12.68 -39.60 22.59
CA ARG C 45 11.22 -39.57 22.54
C ARG C 45 10.57 -39.18 23.86
N THR C 46 11.03 -39.80 24.96
CA THR C 46 10.55 -39.53 26.31
C THR C 46 10.84 -38.06 26.68
N LYS C 47 12.08 -37.62 26.46
CA LYS C 47 12.50 -36.25 26.79
C LYS C 47 11.74 -35.20 25.99
N LEU C 48 11.51 -35.45 24.69
CA LEU C 48 10.79 -34.52 23.82
C LEU C 48 9.39 -34.25 24.29
N VAL C 49 8.64 -35.31 24.64
CA VAL C 49 7.25 -35.13 25.15
C VAL C 49 7.27 -34.27 26.43
N LYS C 50 8.17 -34.56 27.38
CA LYS C 50 8.28 -33.80 28.62
C LYS C 50 8.67 -32.33 28.36
N LEU C 51 9.49 -32.06 27.33
CA LEU C 51 9.87 -30.70 27.00
C LEU C 51 8.67 -29.93 26.45
N ALA C 52 7.79 -30.62 25.69
CA ALA C 52 6.62 -29.99 25.04
C ALA C 52 5.43 -29.76 26.00
N THR C 53 5.25 -30.64 26.97
CA THR C 53 4.14 -30.54 27.91
C THR C 53 4.43 -31.20 29.23
N LYS C 54 3.84 -30.66 30.30
CA LYS C 54 3.93 -31.26 31.63
C LYS C 54 2.71 -32.18 31.83
N HIS C 55 1.83 -32.26 30.81
CA HIS C 55 0.58 -33.05 30.89
C HIS C 55 0.70 -34.42 30.23
N SER C 56 -0.28 -35.28 30.46
CA SER C 56 -0.28 -36.62 29.87
C SER C 56 -1.07 -36.58 28.56
N GLY C 57 -1.10 -37.69 27.83
CA GLY C 57 -1.84 -37.82 26.58
C GLY C 57 -1.08 -37.47 25.33
N TYR C 58 0.21 -37.12 25.46
CA TYR C 58 1.05 -36.77 24.30
C TYR C 58 2.10 -37.81 24.00
N THR C 59 2.55 -37.85 22.77
CA THR C 59 3.54 -38.78 22.26
C THR C 59 4.39 -38.11 21.19
N SER C 60 5.54 -38.68 20.87
CA SER C 60 6.41 -38.16 19.83
C SER C 60 6.67 -39.18 18.74
N VAL C 61 6.98 -38.68 17.55
CA VAL C 61 7.36 -39.42 16.37
C VAL C 61 8.57 -38.67 15.81
N LEU C 62 9.64 -39.39 15.50
CA LEU C 62 10.81 -38.81 14.81
C LEU C 62 10.72 -39.17 13.32
N MET C 63 11.09 -38.24 12.45
CA MET C 63 10.93 -38.45 11.01
C MET C 63 12.19 -37.96 10.30
N GLN C 64 12.78 -38.83 9.46
CA GLN C 64 14.01 -38.56 8.69
C GLN C 64 13.72 -37.43 7.72
N GLY C 65 14.73 -36.61 7.46
CA GLY C 65 14.60 -35.57 6.45
C GLY C 65 14.64 -34.18 7.00
N SER C 66 14.38 -33.24 6.14
CA SER C 66 14.34 -31.82 6.54
C SER C 66 13.11 -31.63 7.45
N GLY C 67 13.02 -30.49 8.16
CA GLY C 67 11.84 -30.23 8.98
C GLY C 67 10.58 -30.22 8.12
N THR C 68 10.71 -29.75 6.87
CA THR C 68 9.62 -29.73 5.88
C THR C 68 9.00 -31.11 5.71
N ALA C 69 9.83 -32.18 5.73
CA ALA C 69 9.37 -33.57 5.61
C ALA C 69 8.44 -33.91 6.79
N SER C 70 8.74 -33.41 8.01
CA SER C 70 7.87 -33.62 9.22
C SER C 70 6.57 -32.79 9.12
N VAL C 71 6.65 -31.54 8.58
CA VAL C 71 5.46 -30.72 8.36
C VAL C 71 4.58 -31.46 7.34
N GLU C 72 5.19 -31.92 6.25
CA GLU C 72 4.48 -32.66 5.23
C GLU C 72 3.92 -34.01 5.72
N ALA C 73 4.67 -34.74 6.54
CA ALA C 73 4.22 -36.00 7.15
C ALA C 73 2.99 -35.71 8.00
N THR C 74 2.96 -34.57 8.70
CA THR C 74 1.83 -34.20 9.52
C THR C 74 0.60 -33.85 8.68
N ILE C 75 0.73 -32.93 7.75
CA ILE C 75 -0.38 -32.54 6.89
C ILE C 75 -0.94 -33.74 6.14
N GLY C 76 -0.07 -34.50 5.49
CA GLY C 76 -0.47 -35.65 4.68
C GLY C 76 -0.98 -36.85 5.45
N SER C 77 -0.66 -36.94 6.74
CA SER C 77 -1.14 -38.06 7.57
C SER C 77 -2.40 -37.69 8.39
N ALA C 78 -2.45 -36.47 8.97
CA ALA C 78 -3.58 -36.04 9.82
C ALA C 78 -4.85 -35.67 9.06
N ILE C 79 -4.71 -35.09 7.86
CA ILE C 79 -5.90 -34.64 7.13
C ILE C 79 -6.48 -35.77 6.30
N GLY C 80 -7.75 -36.09 6.55
CA GLY C 80 -8.48 -37.13 5.80
C GLY C 80 -8.73 -36.73 4.36
N LYS C 81 -9.28 -37.66 3.54
CA LYS C 81 -9.57 -37.37 2.12
C LYS C 81 -10.59 -36.22 1.94
N GLU C 82 -11.53 -36.07 2.88
CA GLU C 82 -12.55 -35.01 2.83
C GLU C 82 -12.14 -33.77 3.68
N GLY C 83 -10.94 -33.80 4.26
CA GLY C 83 -10.43 -32.72 5.10
C GLY C 83 -10.09 -31.44 4.34
N LYS C 84 -9.96 -30.33 5.08
CA LYS C 84 -9.61 -29.01 4.54
C LYS C 84 -8.78 -28.27 5.56
N LEU C 85 -7.72 -27.63 5.08
CA LEU C 85 -6.81 -26.90 5.92
C LEU C 85 -7.00 -25.36 5.86
N LEU C 86 -6.95 -24.71 7.04
CA LEU C 86 -6.94 -23.26 7.20
C LEU C 86 -5.51 -22.94 7.66
N VAL C 87 -4.78 -22.11 6.89
CA VAL C 87 -3.40 -21.81 7.23
C VAL C 87 -3.18 -20.31 7.35
N VAL C 88 -2.44 -19.89 8.38
CA VAL C 88 -2.03 -18.50 8.49
C VAL C 88 -0.76 -18.41 7.64
N ASP C 89 -0.80 -17.62 6.58
CA ASP C 89 0.35 -17.48 5.71
C ASP C 89 0.89 -16.07 5.87
N ASN C 90 1.78 -15.84 6.84
CA ASN C 90 2.38 -14.53 7.00
C ASN C 90 3.90 -14.61 6.87
N GLY C 91 4.34 -15.49 6.00
CA GLY C 91 5.75 -15.70 5.69
C GLY C 91 5.91 -16.95 4.87
N ALA C 92 7.16 -17.22 4.44
CA ALA C 92 7.49 -18.37 3.60
C ALA C 92 7.09 -19.74 4.16
N TYR C 93 7.01 -19.91 5.50
CA TYR C 93 6.72 -21.22 6.10
C TYR C 93 5.26 -21.48 6.17
N GLY C 94 4.48 -20.42 6.32
CA GLY C 94 3.02 -20.55 6.24
C GLY C 94 2.66 -20.84 4.80
N ALA C 95 3.30 -20.14 3.83
CA ALA C 95 3.10 -20.36 2.37
C ALA C 95 3.54 -21.80 2.00
N ARG C 96 4.63 -22.31 2.64
CA ARG C 96 5.08 -23.67 2.37
C ARG C 96 4.06 -24.71 2.81
N ILE C 97 3.36 -24.45 3.94
CA ILE C 97 2.28 -25.33 4.45
C ILE C 97 1.15 -25.36 3.41
N ALA C 98 0.83 -24.20 2.81
CA ALA C 98 -0.19 -24.11 1.75
C ALA C 98 0.31 -24.84 0.52
N GLN C 99 1.61 -24.73 0.21
CA GLN C 99 2.18 -25.42 -0.95
C GLN C 99 2.09 -26.94 -0.76
N ILE C 100 2.37 -27.45 0.46
CA ILE C 100 2.24 -28.90 0.79
C ILE C 100 0.79 -29.37 0.51
N ALA C 101 -0.21 -28.64 1.04
CA ALA C 101 -1.64 -28.95 0.86
C ALA C 101 -1.98 -29.02 -0.62
N ASP C 102 -1.46 -28.06 -1.42
CA ASP C 102 -1.64 -28.04 -2.87
C ASP C 102 -1.08 -29.31 -3.52
N TYR C 103 0.14 -29.72 -3.16
CA TYR C 103 0.76 -30.95 -3.69
C TYR C 103 -0.02 -32.21 -3.33
N LEU C 104 -0.61 -32.22 -2.14
CA LEU C 104 -1.37 -33.37 -1.62
C LEU C 104 -2.84 -33.34 -1.98
N ASN C 105 -3.25 -32.36 -2.81
CA ASN C 105 -4.64 -32.17 -3.24
C ASN C 105 -5.57 -32.01 -2.02
N ILE C 106 -5.11 -31.24 -1.03
CA ILE C 106 -5.88 -30.95 0.17
C ILE C 106 -6.41 -29.53 -0.01
N PRO C 107 -7.75 -29.30 -0.01
CA PRO C 107 -8.25 -27.92 -0.07
C PRO C 107 -7.64 -27.10 1.06
N CYS C 108 -7.23 -25.90 0.72
CA CYS C 108 -6.54 -25.04 1.64
C CYS C 108 -7.02 -23.62 1.52
N HIS C 109 -7.34 -23.03 2.65
CA HIS C 109 -7.75 -21.64 2.73
C HIS C 109 -6.65 -20.94 3.47
N ALA C 110 -6.01 -20.00 2.81
CA ALA C 110 -4.94 -19.24 3.46
C ALA C 110 -5.45 -17.88 3.92
N VAL C 111 -5.23 -17.58 5.20
CA VAL C 111 -5.58 -16.31 5.85
C VAL C 111 -4.21 -15.66 5.82
N SER C 112 -4.05 -14.82 4.82
CA SER C 112 -2.73 -14.30 4.49
C SER C 112 -2.52 -12.85 4.82
N PRO C 113 -2.07 -12.53 6.04
CA PRO C 113 -1.73 -11.13 6.32
C PRO C 113 -0.36 -10.87 5.66
N GLY C 114 0.09 -9.66 5.80
CA GLY C 114 1.38 -9.32 5.29
C GLY C 114 2.43 -9.90 6.21
N GLU C 115 3.61 -9.97 5.70
CA GLU C 115 4.77 -10.49 6.36
C GLU C 115 5.23 -9.62 7.54
N THR C 116 4.80 -8.34 7.65
CA THR C 116 5.23 -7.46 8.74
C THR C 116 4.15 -7.29 9.82
N SER C 117 2.97 -7.88 9.59
CA SER C 117 1.87 -7.84 10.58
C SER C 117 1.70 -9.24 11.20
N GLN C 118 1.24 -9.25 12.44
CA GLN C 118 0.92 -10.48 13.20
C GLN C 118 -0.41 -10.98 12.58
N PRO C 119 -0.76 -12.27 12.69
CA PRO C 119 -2.04 -12.74 12.15
C PRO C 119 -3.26 -11.97 12.70
N HIS C 120 -4.25 -11.76 11.84
CA HIS C 120 -5.48 -11.09 12.25
C HIS C 120 -6.43 -12.16 12.73
N LEU C 121 -6.68 -12.25 14.07
CA LEU C 121 -7.57 -13.26 14.64
C LEU C 121 -8.97 -13.20 14.01
N ASN C 122 -9.46 -11.97 13.71
CA ASN C 122 -10.76 -11.71 13.08
C ASN C 122 -10.86 -12.39 11.71
N GLU C 123 -9.74 -12.45 10.97
CA GLU C 123 -9.70 -13.11 9.66
C GLU C 123 -9.86 -14.64 9.84
N VAL C 124 -9.14 -15.21 10.84
CA VAL C 124 -9.18 -16.66 11.18
C VAL C 124 -10.61 -17.04 11.60
N GLU C 125 -11.19 -16.20 12.49
CA GLU C 125 -12.53 -16.32 13.05
C GLU C 125 -13.59 -16.32 11.95
N THR C 126 -13.43 -15.43 10.95
CA THR C 126 -14.35 -15.28 9.82
C THR C 126 -14.30 -16.53 8.95
N ALA C 127 -13.07 -16.98 8.61
CA ALA C 127 -12.81 -18.21 7.86
C ALA C 127 -13.47 -19.39 8.57
N LEU C 128 -13.21 -19.54 9.89
CA LEU C 128 -13.77 -20.59 10.74
C LEU C 128 -15.29 -20.58 10.74
N ALA C 129 -15.91 -19.39 10.84
CA ALA C 129 -17.35 -19.26 10.91
C ALA C 129 -18.06 -19.45 9.56
N SER C 130 -17.42 -19.02 8.45
CA SER C 130 -18.00 -19.07 7.10
C SER C 130 -17.62 -20.31 6.26
N ASP C 131 -16.57 -21.05 6.67
CA ASP C 131 -16.16 -22.23 5.90
C ASP C 131 -16.22 -23.51 6.76
N PRO C 132 -17.43 -24.14 6.88
CA PRO C 132 -17.57 -25.36 7.71
C PRO C 132 -16.75 -26.56 7.26
N ALA C 133 -16.33 -26.57 5.97
CA ALA C 133 -15.51 -27.65 5.42
C ALA C 133 -14.10 -27.74 6.06
N ILE C 134 -13.63 -26.67 6.73
CA ILE C 134 -12.33 -26.65 7.44
C ILE C 134 -12.33 -27.73 8.53
N THR C 135 -11.25 -28.51 8.63
CA THR C 135 -11.15 -29.57 9.64
C THR C 135 -9.86 -29.37 10.47
N HIS C 136 -8.89 -28.68 9.86
CA HIS C 136 -7.56 -28.47 10.44
C HIS C 136 -7.12 -27.06 10.28
N VAL C 137 -6.35 -26.58 11.26
CA VAL C 137 -5.77 -25.24 11.21
C VAL C 137 -4.27 -25.39 11.45
N ALA C 138 -3.48 -24.64 10.70
CA ALA C 138 -2.04 -24.66 10.82
C ALA C 138 -1.52 -23.26 11.04
N ILE C 139 -0.55 -23.11 11.93
CA ILE C 139 0.09 -21.80 12.16
C ILE C 139 1.57 -22.01 12.44
N VAL C 140 2.38 -21.04 12.09
CA VAL C 140 3.82 -21.05 12.36
C VAL C 140 4.02 -20.22 13.63
N HIS C 141 4.71 -20.79 14.62
CA HIS C 141 4.98 -20.14 15.90
C HIS C 141 5.93 -18.95 15.69
N CYS C 142 7.17 -19.21 15.28
CA CYS C 142 8.13 -18.17 14.96
C CYS C 142 8.27 -18.22 13.45
N GLU C 143 7.85 -17.13 12.81
CA GLU C 143 7.94 -17.01 11.37
C GLU C 143 9.33 -16.53 11.04
N THR C 144 10.23 -17.51 10.84
CA THR C 144 11.66 -17.36 10.54
C THR C 144 11.98 -16.45 9.38
N THR C 145 11.05 -16.34 8.42
CA THR C 145 11.17 -15.43 7.24
C THR C 145 11.56 -14.03 7.76
N THR C 146 10.90 -13.59 8.84
CA THR C 146 11.11 -12.22 9.38
C THR C 146 11.63 -12.22 10.79
N GLY C 147 11.48 -13.35 11.49
CA GLY C 147 11.76 -13.49 12.91
C GLY C 147 10.50 -13.12 13.68
N MET C 148 9.35 -13.01 13.02
CA MET C 148 8.14 -12.66 13.74
C MET C 148 7.72 -13.70 14.73
N LEU C 149 7.23 -13.29 15.89
CA LEU C 149 6.69 -14.21 16.87
C LEU C 149 5.20 -14.12 16.69
N ASN C 150 4.60 -15.16 16.12
CA ASN C 150 3.18 -15.15 15.93
C ASN C 150 2.47 -15.48 17.22
N PRO C 151 1.39 -14.74 17.55
CA PRO C 151 0.56 -15.13 18.70
C PRO C 151 -0.09 -16.45 18.29
N ILE C 152 0.03 -17.48 19.10
CA ILE C 152 -0.50 -18.79 18.76
C ILE C 152 -1.61 -19.22 19.70
N GLU C 153 -1.62 -18.70 20.95
CA GLU C 153 -2.61 -19.07 21.95
C GLU C 153 -4.04 -18.74 21.53
N ALA C 154 -4.32 -17.49 21.08
CA ALA C 154 -5.69 -17.11 20.70
C ALA C 154 -6.12 -17.88 19.46
N PHE C 155 -5.20 -18.06 18.52
CA PHE C 155 -5.43 -18.79 17.28
C PHE C 155 -5.86 -20.24 17.58
N ALA C 156 -5.11 -20.94 18.45
CA ALA C 156 -5.37 -22.34 18.80
C ALA C 156 -6.66 -22.46 19.61
N SER C 157 -6.94 -21.45 20.45
CA SER C 157 -8.16 -21.42 21.27
C SER C 157 -9.39 -21.27 20.36
N ALA C 158 -9.34 -20.32 19.38
CA ALA C 158 -10.40 -20.11 18.38
C ALA C 158 -10.64 -21.37 17.54
N ALA C 159 -9.56 -22.07 17.13
CA ALA C 159 -9.67 -23.31 16.36
C ALA C 159 -10.30 -24.45 17.18
N LYS C 160 -9.87 -24.61 18.46
CA LYS C 160 -10.43 -25.62 19.38
C LYS C 160 -11.91 -25.40 19.62
N ALA C 161 -12.33 -24.11 19.77
CA ALA C 161 -13.73 -23.70 19.98
C ALA C 161 -14.58 -24.00 18.74
N HIS C 162 -13.95 -24.09 17.56
CA HIS C 162 -14.60 -24.44 16.29
C HIS C 162 -14.45 -25.94 15.96
N GLY C 163 -13.95 -26.72 16.90
CA GLY C 163 -13.79 -28.16 16.77
C GLY C 163 -12.77 -28.59 15.73
N LYS C 164 -11.72 -27.77 15.50
CA LYS C 164 -10.68 -28.10 14.53
C LYS C 164 -9.46 -28.68 15.21
N VAL C 165 -8.68 -29.46 14.43
CA VAL C 165 -7.40 -30.04 14.81
C VAL C 165 -6.31 -28.96 14.55
N VAL C 166 -5.47 -28.71 15.58
CA VAL C 166 -4.43 -27.69 15.53
C VAL C 166 -3.07 -28.26 15.23
N ILE C 167 -2.46 -27.74 14.19
CA ILE C 167 -1.10 -28.08 13.76
C ILE C 167 -0.24 -26.84 14.00
N LEU C 168 0.85 -26.99 14.74
CA LEU C 168 1.76 -25.89 14.97
C LEU C 168 3.13 -26.16 14.36
N ASP C 169 3.60 -25.27 13.46
CA ASP C 169 4.96 -25.34 12.96
C ASP C 169 5.82 -24.58 13.99
N ALA C 170 6.42 -25.32 14.94
CA ALA C 170 7.29 -24.74 15.96
C ALA C 170 8.74 -25.06 15.64
N MET C 171 9.06 -25.10 14.35
CA MET C 171 10.41 -25.42 13.89
C MET C 171 11.51 -24.56 14.49
N SER C 172 11.30 -23.22 14.51
CA SER C 172 12.32 -22.29 15.03
C SER C 172 12.02 -21.80 16.45
N SER C 173 11.00 -22.34 17.10
CA SER C 173 10.61 -21.90 18.45
C SER C 173 10.77 -22.95 19.52
N PHE C 174 10.40 -24.21 19.24
CA PHE C 174 10.45 -25.27 20.26
C PHE C 174 11.88 -25.48 20.79
N GLY C 175 12.05 -25.41 22.11
CA GLY C 175 13.36 -25.49 22.74
C GLY C 175 13.94 -24.13 23.13
N GLY C 176 13.41 -23.07 22.50
CA GLY C 176 13.85 -21.70 22.74
C GLY C 176 12.78 -20.75 23.28
N ILE C 177 11.50 -21.17 23.21
CA ILE C 177 10.37 -20.35 23.67
C ILE C 177 9.50 -21.26 24.48
N PRO C 178 9.30 -20.98 25.80
CA PRO C 178 8.50 -21.88 26.63
C PRO C 178 7.07 -22.00 26.12
N ILE C 179 6.57 -23.22 26.00
CA ILE C 179 5.19 -23.49 25.60
C ILE C 179 4.81 -24.83 26.17
N ASP C 180 3.53 -24.96 26.52
CA ASP C 180 2.95 -26.20 26.91
C ASP C 180 1.90 -26.46 25.85
N ILE C 181 2.19 -27.40 24.93
CA ILE C 181 1.30 -27.68 23.81
C ILE C 181 -0.07 -28.26 24.24
N ALA C 182 -0.15 -28.93 25.41
CA ALA C 182 -1.41 -29.44 25.89
C ALA C 182 -2.27 -28.27 26.35
N GLU C 183 -1.65 -27.31 27.07
CA GLU C 183 -2.38 -26.13 27.58
C GLU C 183 -2.84 -25.25 26.47
N LEU C 184 -2.05 -25.15 25.38
CA LEU C 184 -2.40 -24.35 24.21
C LEU C 184 -3.41 -25.04 23.29
N GLY C 185 -3.62 -26.34 23.47
CA GLY C 185 -4.57 -27.06 22.64
C GLY C 185 -3.98 -27.41 21.28
N ILE C 186 -2.65 -27.63 21.24
CA ILE C 186 -1.95 -28.01 20.01
C ILE C 186 -2.07 -29.51 19.84
N ASP C 187 -2.59 -29.97 18.69
CA ASP C 187 -2.73 -31.40 18.40
C ASP C 187 -1.48 -32.01 17.84
N PHE C 188 -0.76 -31.28 16.96
CA PHE C 188 0.50 -31.75 16.36
C PHE C 188 1.44 -30.58 16.34
N MET C 189 2.54 -30.69 17.09
CA MET C 189 3.56 -29.66 17.12
C MET C 189 4.76 -30.25 16.36
N ILE C 190 5.23 -29.53 15.34
CA ILE C 190 6.35 -29.98 14.55
C ILE C 190 7.58 -29.15 14.89
N SER C 191 8.72 -29.80 15.08
CA SER C 191 9.93 -29.02 15.29
C SER C 191 11.14 -29.73 14.69
N SER C 192 12.30 -29.11 14.87
CA SER C 192 13.55 -29.47 14.25
C SER C 192 14.56 -30.03 15.20
N ALA C 193 15.51 -30.80 14.65
CA ALA C 193 16.65 -31.29 15.42
C ALA C 193 17.70 -30.21 15.54
N ASN C 194 17.69 -29.25 14.61
CA ASN C 194 18.81 -28.35 14.45
C ASN C 194 18.54 -26.87 14.60
N CYS C 196 16.44 -24.48 17.89
CA CYS C 196 16.61 -24.16 19.33
C CYS C 196 17.12 -25.31 20.19
N ILE C 197 16.88 -26.58 19.79
CA ILE C 197 17.40 -27.71 20.57
C ILE C 197 18.92 -27.76 20.37
N GLN C 198 19.41 -27.21 19.25
CA GLN C 198 20.85 -27.07 18.94
C GLN C 198 21.54 -28.38 18.57
N GLY C 199 20.78 -29.30 18.00
CA GLY C 199 21.36 -30.52 17.45
C GLY C 199 21.79 -30.23 16.02
N VAL C 200 22.06 -31.30 15.24
CA VAL C 200 22.50 -31.16 13.87
C VAL C 200 21.36 -31.59 12.95
N PRO C 201 21.32 -31.13 11.67
CA PRO C 201 20.21 -31.56 10.79
C PRO C 201 20.24 -33.06 10.49
N GLY C 202 19.11 -33.60 10.09
CA GLY C 202 19.02 -35.01 9.73
C GLY C 202 17.60 -35.53 9.85
N PHE C 203 16.85 -34.98 10.80
CA PHE C 203 15.49 -35.38 11.08
C PHE C 203 14.73 -34.28 11.76
N GLY C 204 13.42 -34.42 11.73
CA GLY C 204 12.49 -33.55 12.44
C GLY C 204 11.65 -34.42 13.34
N PHE C 205 10.71 -33.82 14.03
CA PHE C 205 9.83 -34.60 14.92
C PHE C 205 8.52 -33.92 15.11
N VAL C 206 7.56 -34.70 15.51
CA VAL C 206 6.19 -34.26 15.76
C VAL C 206 5.81 -34.72 17.16
N ILE C 207 5.36 -33.78 17.98
CA ILE C 207 4.87 -34.07 19.32
C ILE C 207 3.37 -33.89 19.21
N ALA C 208 2.63 -34.99 19.39
CA ALA C 208 1.20 -35.02 19.12
C ALA C 208 0.34 -35.60 20.22
N LYS C 209 -0.94 -35.12 20.27
CA LYS C 209 -1.97 -35.64 21.15
C LYS C 209 -2.18 -37.05 20.65
N LYS C 210 -1.95 -38.03 21.53
CA LYS C 210 -1.98 -39.46 21.20
C LYS C 210 -3.25 -39.91 20.50
N THR C 211 -4.41 -39.44 20.93
CA THR C 211 -5.73 -39.79 20.35
C THR C 211 -5.90 -39.19 18.97
N GLU C 212 -5.25 -38.03 18.75
CA GLU C 212 -5.26 -37.35 17.45
C GLU C 212 -4.28 -38.06 16.52
N LEU C 213 -3.11 -38.47 17.03
CA LEU C 213 -2.18 -39.22 16.20
C LEU C 213 -2.76 -40.57 15.75
N GLU C 214 -3.57 -41.23 16.62
CA GLU C 214 -4.20 -42.50 16.27
C GLU C 214 -5.15 -42.36 15.07
N LYS C 215 -5.74 -41.17 14.89
CA LYS C 215 -6.65 -40.91 13.77
C LYS C 215 -5.92 -40.92 12.41
N CYS C 216 -4.57 -40.77 12.42
CA CYS C 216 -3.70 -40.79 11.24
C CYS C 216 -3.57 -42.13 10.58
N GLN C 217 -3.90 -43.22 11.29
CA GLN C 217 -3.75 -44.57 10.74
C GLN C 217 -4.51 -44.79 9.43
N GLY C 218 -3.75 -45.24 8.43
CA GLY C 218 -4.29 -45.59 7.12
C GLY C 218 -4.69 -44.42 6.26
N GLN C 219 -4.32 -43.18 6.67
CA GLN C 219 -4.68 -41.95 5.96
C GLN C 219 -3.48 -41.33 5.25
N ALA C 220 -2.26 -41.83 5.45
CA ALA C 220 -1.08 -41.20 4.87
C ALA C 220 -1.09 -41.15 3.36
N ARG C 221 -0.48 -40.09 2.81
CA ARG C 221 -0.34 -39.89 1.38
C ARG C 221 1.07 -40.27 0.92
N SER C 222 1.91 -40.72 1.84
CA SER C 222 3.30 -41.10 1.54
C SER C 222 3.71 -42.24 2.47
N LEU C 223 4.56 -43.16 1.98
CA LEU C 223 5.03 -44.25 2.82
C LEU C 223 6.09 -43.71 3.74
N SER C 224 7.06 -42.99 3.20
CA SER C 224 8.16 -42.40 3.96
C SER C 224 7.63 -41.46 5.01
N LEU C 225 6.60 -40.69 4.66
CA LEU C 225 6.01 -39.66 5.53
C LEU C 225 4.70 -40.14 6.21
N ASP C 226 4.53 -41.45 6.37
CA ASP C 226 3.38 -42.02 7.04
C ASP C 226 3.65 -41.88 8.53
N LEU C 227 3.04 -40.83 9.15
CA LEU C 227 3.22 -40.48 10.56
C LEU C 227 2.77 -41.56 11.50
N TYR C 228 1.56 -42.11 11.29
CA TYR C 228 1.07 -43.14 12.20
C TYR C 228 1.95 -44.39 12.10
N ASP C 229 2.25 -44.85 10.88
CA ASP C 229 3.06 -46.03 10.66
C ASP C 229 4.44 -45.89 11.32
N GLN C 230 5.04 -44.72 11.19
CA GLN C 230 6.34 -44.39 11.78
C GLN C 230 6.25 -44.44 13.30
N TRP C 231 5.23 -43.81 13.87
CA TRP C 231 5.00 -43.80 15.30
C TRP C 231 4.73 -45.23 15.80
N HIS C 232 3.87 -45.98 15.09
CA HIS C 232 3.48 -47.33 15.48
C HIS C 232 4.67 -48.26 15.60
N CYS C 233 5.60 -48.14 14.68
CA CYS C 233 6.81 -48.95 14.70
C CYS C 233 7.68 -48.58 15.90
N MET C 234 7.83 -47.30 16.20
CA MET C 234 8.62 -46.83 17.34
C MET C 234 7.98 -47.24 18.65
N GLU C 235 6.65 -47.34 18.65
CA GLU C 235 5.90 -47.79 19.80
C GLU C 235 6.12 -49.30 20.02
N VAL C 236 5.71 -50.11 19.03
CA VAL C 236 5.73 -51.59 19.13
C VAL C 236 7.15 -52.12 19.17
N ASN C 237 8.06 -51.49 18.42
CA ASN C 237 9.43 -51.94 18.33
C ASN C 237 10.41 -51.07 19.09
N HIS C 238 9.92 -50.36 20.12
CA HIS C 238 10.71 -49.61 21.09
C HIS C 238 11.85 -48.82 20.50
N GLY C 239 11.52 -47.77 19.76
CA GLY C 239 12.48 -46.84 19.16
C GLY C 239 12.85 -47.11 17.73
N LYS C 240 12.55 -48.31 17.24
CA LYS C 240 12.89 -48.71 15.88
C LYS C 240 12.29 -47.78 14.85
N TRP C 241 13.13 -47.27 13.94
CA TRP C 241 12.63 -46.44 12.82
C TRP C 241 12.36 -47.40 11.68
N ARG C 242 11.19 -47.28 11.03
CA ARG C 242 10.84 -48.22 9.93
C ARG C 242 11.95 -48.36 8.95
N PHE C 243 12.50 -47.23 8.48
CA PHE C 243 13.59 -47.21 7.50
C PHE C 243 14.81 -46.60 8.15
N THR C 244 15.97 -46.65 7.48
CA THR C 244 17.21 -46.13 8.06
C THR C 244 17.08 -44.71 8.58
N SER C 245 17.59 -44.51 9.80
CA SER C 245 17.61 -43.19 10.45
C SER C 245 19.02 -42.61 10.38
N PRO C 246 19.16 -41.27 10.48
CA PRO C 246 20.49 -40.67 10.46
C PRO C 246 21.09 -40.81 11.87
N THR C 247 21.50 -42.04 12.21
CA THR C 247 21.99 -42.47 13.51
C THR C 247 22.90 -41.47 14.22
N HIS C 248 23.94 -40.98 13.54
CA HIS C 248 24.92 -40.04 14.11
C HIS C 248 24.25 -38.76 14.51
N THR C 249 23.36 -38.26 13.67
CA THR C 249 22.64 -37.01 13.98
C THR C 249 21.63 -37.24 15.13
N VAL C 250 21.09 -38.47 15.26
CA VAL C 250 20.14 -38.81 16.33
C VAL C 250 20.94 -38.85 17.64
N ARG C 251 22.15 -39.40 17.59
CA ARG C 251 23.00 -39.44 18.77
C ARG C 251 23.47 -38.03 19.17
N ALA C 252 23.69 -37.14 18.18
CA ALA C 252 24.08 -35.76 18.41
C ALA C 252 22.92 -35.03 19.10
N PHE C 253 21.68 -35.33 18.67
CA PHE C 253 20.45 -34.76 19.25
C PHE C 253 20.27 -35.19 20.69
N TYR C 254 20.56 -36.44 21.02
CA TYR C 254 20.51 -36.96 22.39
C TYR C 254 21.44 -36.09 23.24
N GLN C 255 22.64 -35.73 22.70
CA GLN C 255 23.62 -34.89 23.39
C GLN C 255 23.08 -33.46 23.53
N ALA C 256 22.44 -32.92 22.48
CA ALA C 256 21.83 -31.57 22.49
C ALA C 256 20.79 -31.51 23.64
N LEU C 257 20.03 -32.60 23.87
CA LEU C 257 19.03 -32.66 24.96
C LEU C 257 19.69 -32.60 26.32
N LEU C 258 20.82 -33.31 26.48
CA LEU C 258 21.59 -33.27 27.73
C LEU C 258 22.08 -31.86 28.01
N GLU C 259 22.55 -31.16 26.97
CA GLU C 259 23.06 -29.78 27.12
C GLU C 259 21.97 -28.77 27.42
N LEU C 260 20.75 -28.98 26.87
CA LEU C 260 19.59 -28.12 27.16
C LEU C 260 19.25 -28.22 28.66
N GLU C 261 19.22 -29.46 29.23
CA GLU C 261 18.95 -29.69 30.65
C GLU C 261 20.03 -29.03 31.49
N GLN C 262 21.29 -29.22 31.06
CA GLN C 262 22.50 -28.70 31.71
C GLN C 262 22.41 -27.17 31.76
N GLU C 263 21.82 -26.52 30.74
CA GLU C 263 21.70 -25.06 30.70
C GLU C 263 20.60 -24.57 31.66
N GLY C 264 19.67 -25.47 32.01
CA GLY C 264 18.56 -25.15 32.91
C GLY C 264 17.20 -25.22 32.20
N GLY C 265 17.17 -25.92 31.07
CA GLY C 265 15.94 -26.11 30.32
C GLY C 265 15.59 -24.97 29.39
N ILE C 266 14.38 -25.04 28.81
CA ILE C 266 13.87 -24.09 27.83
C ILE C 266 13.75 -22.69 28.42
N GLU C 267 13.39 -22.56 29.73
CA GLU C 267 13.26 -21.28 30.43
C GLU C 267 14.62 -20.54 30.40
N ALA C 268 15.72 -21.23 30.76
CA ALA C 268 17.08 -20.66 30.73
C ALA C 268 17.54 -20.40 29.29
N ARG C 269 17.23 -21.30 28.33
CA ARG C 269 17.61 -21.09 26.93
C ARG C 269 16.89 -19.88 26.37
N HIS C 270 15.59 -19.76 26.68
CA HIS C 270 14.74 -18.62 26.30
C HIS C 270 15.36 -17.34 26.83
N ASN C 271 15.82 -17.32 28.09
CA ASN C 271 16.45 -16.15 28.68
C ASN C 271 17.70 -15.74 27.95
N ARG C 272 18.58 -16.68 27.62
CA ARG C 272 19.81 -16.37 26.86
C ARG C 272 19.47 -15.81 25.47
N TYR C 273 18.54 -16.48 24.75
CA TYR C 273 18.13 -16.09 23.40
C TYR C 273 17.50 -14.70 23.40
N GLN C 274 16.57 -14.48 24.34
CA GLN C 274 15.90 -13.19 24.52
C GLN C 274 16.90 -12.05 24.79
N THR C 275 17.89 -12.30 25.66
CA THR C 275 18.95 -11.35 26.00
C THR C 275 19.82 -11.06 24.77
N ASN C 276 20.25 -12.12 24.06
CA ASN C 276 21.06 -11.99 22.84
C ASN C 276 20.30 -11.14 21.85
N GLN C 277 19.01 -11.44 21.65
CA GLN C 277 18.21 -10.76 20.63
C GLN C 277 18.00 -9.26 20.95
N LYS C 278 17.73 -8.93 22.22
CA LYS C 278 17.51 -7.55 22.62
C LYS C 278 18.79 -6.74 22.58
N THR C 279 19.91 -7.36 23.03
CA THR C 279 21.23 -6.74 22.99
C THR C 279 21.63 -6.50 21.50
N LEU C 280 21.32 -7.47 20.63
CA LEU C 280 21.60 -7.35 19.19
C LEU C 280 20.84 -6.17 18.61
N VAL C 281 19.51 -6.10 18.84
CA VAL C 281 18.66 -5.03 18.32
C VAL C 281 19.19 -3.65 18.78
N ALA C 282 19.51 -3.50 20.08
CA ALA C 282 20.05 -2.24 20.61
C ALA C 282 21.39 -1.89 19.95
N GLY C 283 22.25 -2.88 19.74
CA GLY C 283 23.53 -2.66 19.09
C GLY C 283 23.39 -2.25 17.63
N MET C 284 22.50 -2.93 16.92
CA MET C 284 22.23 -2.62 15.51
C MET C 284 21.65 -1.22 15.34
N ARG C 285 20.73 -0.83 16.25
CA ARG C 285 20.13 0.51 16.22
C ARG C 285 21.18 1.58 16.43
N SER C 286 22.18 1.33 17.33
CA SER C 286 23.25 2.30 17.64
C SER C 286 24.13 2.54 16.40
N LEU C 287 24.15 1.55 15.48
CA LEU C 287 24.87 1.61 14.21
C LEU C 287 24.01 2.12 13.03
N GLY C 288 22.75 2.46 13.32
CA GLY C 288 21.82 3.03 12.34
C GLY C 288 20.94 2.03 11.62
N PHE C 289 21.01 0.77 11.99
CA PHE C 289 20.19 -0.28 11.38
C PHE C 289 18.78 -0.23 11.94
N GLU C 290 17.80 -0.51 11.12
CA GLU C 290 16.42 -0.49 11.54
C GLU C 290 15.82 -1.89 11.43
N PRO C 291 15.21 -2.43 12.50
CA PRO C 291 14.55 -3.74 12.40
C PRO C 291 13.33 -3.64 11.45
N LEU C 292 13.08 -4.70 10.68
CA LEU C 292 11.93 -4.76 9.77
C LEU C 292 10.61 -4.68 10.55
N LEU C 293 10.54 -5.42 11.66
CA LEU C 293 9.34 -5.52 12.48
C LEU C 293 9.39 -4.60 13.65
N SER C 294 8.18 -4.23 14.15
CA SER C 294 8.13 -3.45 15.39
C SER C 294 8.53 -4.40 16.51
N ASP C 295 9.31 -3.87 17.44
CA ASP C 295 9.88 -4.59 18.58
C ASP C 295 8.91 -5.53 19.30
N ASP C 296 7.63 -5.15 19.44
CA ASP C 296 6.63 -5.98 20.14
C ASP C 296 6.37 -7.33 19.43
N LEU C 297 6.67 -7.43 18.12
CA LEU C 297 6.47 -8.61 17.28
C LEU C 297 7.70 -9.50 17.16
N HIS C 298 8.84 -9.04 17.69
CA HIS C 298 10.11 -9.77 17.60
C HIS C 298 10.11 -11.07 18.35
N SER C 299 10.71 -12.07 17.74
CA SER C 299 10.91 -13.34 18.42
C SER C 299 12.31 -13.20 19.04
N PRO C 300 12.68 -14.08 19.99
CA PRO C 300 14.05 -14.02 20.53
C PRO C 300 15.02 -14.91 19.73
N ILE C 301 14.64 -15.32 18.49
CA ILE C 301 15.37 -16.31 17.67
C ILE C 301 16.24 -15.74 16.56
N ILE C 302 15.60 -14.96 15.68
CA ILE C 302 16.22 -14.36 14.52
C ILE C 302 15.56 -13.01 14.28
N THR C 303 16.32 -12.05 13.76
CA THR C 303 15.81 -10.70 13.53
C THR C 303 16.11 -10.25 12.13
N SER C 304 15.12 -9.62 11.47
CA SER C 304 15.30 -9.04 10.14
C SER C 304 15.59 -7.57 10.32
N PHE C 305 16.54 -7.05 9.56
CA PHE C 305 16.95 -5.63 9.55
C PHE C 305 16.85 -5.14 8.13
N TYR C 306 16.37 -3.92 7.93
CA TYR C 306 16.34 -3.33 6.60
C TYR C 306 17.77 -3.15 6.12
N SER C 307 17.99 -3.44 4.85
CA SER C 307 19.29 -3.20 4.23
C SER C 307 19.59 -1.69 4.28
N PRO C 308 20.84 -1.30 4.61
CA PRO C 308 21.24 0.13 4.49
C PRO C 308 20.90 0.68 3.10
N THR C 309 20.44 1.92 3.06
CA THR C 309 20.05 2.59 1.81
C THR C 309 21.25 3.10 1.02
N HIS C 310 22.44 3.26 1.65
CA HIS C 310 23.67 3.74 0.98
C HIS C 310 23.89 2.98 -0.32
N SER C 311 24.09 3.72 -1.41
CA SER C 311 24.25 3.18 -2.76
C SER C 311 25.36 2.13 -2.90
N ASP C 312 26.39 2.18 -2.04
CA ASP C 312 27.50 1.22 -2.07
C ASP C 312 27.23 -0.02 -1.26
N TYR C 313 26.10 -0.06 -0.52
CA TYR C 313 25.77 -1.24 0.26
C TYR C 313 25.42 -2.39 -0.65
N GLN C 314 25.99 -3.56 -0.36
CA GLN C 314 25.72 -4.79 -1.07
C GLN C 314 25.77 -5.90 -0.05
N PHE C 315 24.70 -6.71 0.05
CA PHE C 315 24.66 -7.78 1.03
C PHE C 315 25.88 -8.69 0.99
N LYS C 316 26.28 -9.15 -0.20
CA LYS C 316 27.39 -10.08 -0.39
C LYS C 316 28.71 -9.52 0.13
N ALA C 317 29.02 -8.23 -0.15
CA ALA C 317 30.26 -7.59 0.31
C ALA C 317 30.25 -7.47 1.85
N PHE C 318 29.09 -7.08 2.41
CA PHE C 318 28.87 -6.95 3.85
C PHE C 318 29.00 -8.33 4.52
N TYR C 319 28.35 -9.34 3.95
CA TYR C 319 28.39 -10.73 4.39
C TYR C 319 29.84 -11.25 4.42
N THR C 320 30.60 -10.95 3.34
CA THR C 320 32.00 -11.37 3.18
C THR C 320 32.88 -10.74 4.25
N ARG C 321 32.72 -9.43 4.50
CA ARG C 321 33.48 -8.70 5.52
C ARG C 321 33.20 -9.20 6.93
N LEU C 322 31.97 -9.64 7.19
CA LEU C 322 31.61 -10.20 8.49
C LEU C 322 32.18 -11.60 8.67
N LYS C 323 32.14 -12.40 7.59
CA LYS C 323 32.68 -13.76 7.55
C LYS C 323 34.19 -13.74 7.87
N GLU C 324 34.92 -12.75 7.32
CA GLU C 324 36.36 -12.52 7.55
C GLU C 324 36.64 -12.26 9.03
N GLN C 325 35.64 -11.74 9.76
CA GLN C 325 35.70 -11.44 11.19
C GLN C 325 35.11 -12.57 12.06
N GLY C 326 34.75 -13.68 11.41
CA GLY C 326 34.22 -14.86 12.09
C GLY C 326 32.72 -14.93 12.27
N PHE C 327 31.93 -14.14 11.52
CA PHE C 327 30.47 -14.19 11.67
C PHE C 327 29.74 -14.45 10.38
N VAL C 328 28.81 -15.40 10.40
CA VAL C 328 28.02 -15.72 9.24
C VAL C 328 26.61 -15.21 9.46
N ILE C 329 26.23 -14.16 8.73
CA ILE C 329 24.89 -13.62 8.85
C ILE C 329 23.99 -14.26 7.79
N TYR C 330 22.74 -13.82 7.68
CA TYR C 330 21.82 -14.55 6.84
C TYR C 330 21.07 -13.68 5.85
N PRO C 331 20.74 -14.18 4.64
CA PRO C 331 19.98 -13.34 3.70
C PRO C 331 18.56 -13.02 4.19
N GLY C 332 17.99 -11.94 3.68
CA GLY C 332 16.60 -11.60 3.94
C GLY C 332 15.71 -12.57 3.18
N LYS C 333 14.47 -12.74 3.62
CA LYS C 333 13.56 -13.68 2.98
C LYS C 333 12.23 -13.02 2.75
N VAL C 334 12.07 -11.79 3.21
CA VAL C 334 10.81 -11.04 3.09
C VAL C 334 10.64 -10.66 1.62
N SER C 335 9.46 -10.91 1.06
CA SER C 335 9.25 -10.71 -0.37
C SER C 335 9.22 -9.24 -0.78
N ASN C 336 8.68 -8.38 0.11
CA ASN C 336 8.40 -7.00 -0.22
C ASN C 336 9.22 -5.99 0.58
N ALA C 337 10.44 -6.39 0.94
CA ALA C 337 11.40 -5.51 1.61
C ALA C 337 12.81 -6.01 1.37
N ASP C 338 13.77 -5.11 1.32
CA ASP C 338 15.18 -5.38 1.13
C ASP C 338 15.79 -5.45 2.54
N CYS C 339 16.01 -6.66 3.02
CA CYS C 339 16.43 -7.06 4.36
C CYS C 339 17.54 -8.07 4.38
N PHE C 340 18.19 -8.19 5.55
CA PHE C 340 19.10 -9.26 5.92
C PHE C 340 18.66 -9.74 7.30
N ARG C 341 19.08 -10.91 7.70
CA ARG C 341 18.75 -11.48 9.00
C ARG C 341 19.97 -11.83 9.78
N ILE C 342 19.84 -11.77 11.11
CA ILE C 342 20.87 -12.20 12.06
C ILE C 342 20.17 -13.08 13.08
N GLY C 343 20.56 -14.36 13.14
CA GLY C 343 20.05 -15.28 14.14
C GLY C 343 20.87 -15.13 15.41
N ASN C 344 20.36 -15.61 16.56
CA ASN C 344 21.15 -15.51 17.78
C ASN C 344 21.03 -16.78 18.62
N ILE C 345 20.84 -17.91 17.95
CA ILE C 345 20.66 -19.24 18.54
C ILE C 345 21.88 -20.10 18.26
N GLY C 346 22.00 -21.25 18.94
CA GLY C 346 23.19 -22.08 18.80
C GLY C 346 24.19 -21.58 19.82
N GLU C 347 25.50 -21.72 19.54
CA GLU C 347 26.58 -21.31 20.45
C GLU C 347 26.81 -19.82 20.42
N VAL C 348 25.72 -19.06 20.67
CA VAL C 348 25.67 -17.60 20.70
C VAL C 348 25.33 -17.17 22.10
N TYR C 349 26.27 -16.44 22.70
CA TYR C 349 26.25 -15.93 24.06
C TYR C 349 26.37 -14.39 24.04
N PRO C 350 25.99 -13.68 25.12
CA PRO C 350 26.06 -12.20 25.10
C PRO C 350 27.40 -11.61 24.64
N ALA C 351 28.52 -12.25 25.01
CA ALA C 351 29.87 -11.83 24.61
C ALA C 351 30.04 -11.88 23.06
N ASP C 352 29.39 -12.87 22.42
CA ASP C 352 29.42 -13.00 20.96
C ASP C 352 28.65 -11.88 20.31
N ILE C 353 27.47 -11.55 20.87
CA ILE C 353 26.65 -10.46 20.35
C ILE C 353 27.45 -9.13 20.43
N GLU C 354 28.18 -8.91 21.55
CA GLU C 354 28.98 -7.69 21.74
C GLU C 354 30.11 -7.63 20.72
N ARG C 355 30.77 -8.76 20.48
CA ARG C 355 31.85 -8.90 19.49
C ARG C 355 31.27 -8.71 18.05
N LEU C 356 30.05 -9.22 17.83
CA LEU C 356 29.35 -9.10 16.55
C LEU C 356 29.07 -7.64 16.26
N ILE C 357 28.64 -6.86 17.27
CA ILE C 357 28.34 -5.42 17.12
C ILE C 357 29.59 -4.67 16.64
N GLY C 358 30.73 -5.00 17.21
CA GLY C 358 32.04 -4.45 16.82
C GLY C 358 32.37 -4.85 15.39
N ALA C 359 32.16 -6.13 15.05
CA ALA C 359 32.39 -6.69 13.71
C ALA C 359 31.49 -6.04 12.65
N ILE C 360 30.19 -5.83 12.97
CA ILE C 360 29.23 -5.15 12.09
C ILE C 360 29.78 -3.77 11.75
N GLU C 361 30.22 -3.02 12.78
CA GLU C 361 30.77 -1.69 12.61
C GLU C 361 31.95 -1.70 11.64
N LYS C 362 32.94 -2.57 11.87
CA LYS C 362 34.13 -2.69 11.01
C LYS C 362 33.80 -3.10 9.57
N ALA C 363 32.69 -3.85 9.39
CA ALA C 363 32.21 -4.35 8.10
C ALA C 363 31.37 -3.34 7.32
N MET C 364 31.07 -2.19 7.94
CA MET C 364 30.31 -1.10 7.31
C MET C 364 31.22 -0.25 6.41
N TYR C 365 31.75 -0.88 5.36
CA TYR C 365 32.69 -0.30 4.38
C TYR C 365 32.19 0.96 3.65
N TRP C 366 30.86 1.13 3.54
CA TRP C 366 30.20 2.24 2.86
C TRP C 366 30.18 3.52 3.72
N GLN C 367 30.63 3.40 5.00
CA GLN C 367 30.75 4.45 6.03
C GLN C 367 32.21 4.59 6.47
#